data_3RC0
#
_entry.id   3RC0
#
_cell.length_a   61.621
_cell.length_b   64.501
_cell.length_c   73.759
_cell.angle_alpha   78.73
_cell.angle_beta   70.60
_cell.angle_gamma   64.21
#
_symmetry.space_group_name_H-M   'P 1'
#
loop_
_entity.id
_entity.type
_entity.pdbx_description
1 polymer 'N-lysine methyltransferase SETD6'
2 polymer 'Transcription factor p65 peptide'
3 non-polymer 1,2-ETHANEDIOL
4 non-polymer S-ADENOSYLMETHIONINE
5 water water
#
loop_
_entity_poly.entity_id
_entity_poly.type
_entity_poly.pdbx_seq_one_letter_code
_entity_poly.pdbx_strand_id
1 'polypeptide(L)'
;MATQAKRPRVAGPVDGGDLDPVACFLSWCRRVGLELSPKVAVSRQGTVAGYGMVARESVQAGELLFVVPRAALLSQHTCS
IGGLLERERVALQSQSGWVPLLLALLHELQAPASRWRPYFALWPELGRLEHPMFWPEEERRCLLQGTGVPEAVEKDLANI
RSEYQSIVLPFMEAHPDLFSLRVRSLELYHQLVALVMAYSFQEPLEEEEDEKEPNSPVMVPAADILNHLANHNANLEYSA
NCLRMVATQPIPKGHEIFNTYGQMANWQLIHMYGFVEPYPDNTDDTADIQMVTVREAALQGTKTEAERHLVYERWDFLCK
LEMVGEEGAFVIGREEVLTEEELTTTLKVLCMPAEEFRELKDQDGGGDDKREEGSLTITNIPKLKASWRQLLQNSVLLTL
QTYATDLKTDQGLLSNKEVYAKLSWREQQALQVRYGQKMILHQLLELTS
;
A,B
2 'polypeptide(L)' RKRTYETFKSIMKKS P,Q
#
loop_
_chem_comp.id
_chem_comp.type
_chem_comp.name
_chem_comp.formula
EDO non-polymer 1,2-ETHANEDIOL 'C2 H6 O2'
SAM non-polymer S-ADENOSYLMETHIONINE 'C15 H22 N6 O5 S'
#
# COMPACT_ATOMS: atom_id res chain seq x y z
N LEU A 19 28.00 -23.58 -18.53
CA LEU A 19 28.31 -24.31 -19.75
C LEU A 19 27.56 -25.63 -19.79
N ASP A 20 28.14 -26.64 -19.16
CA ASP A 20 27.43 -27.89 -18.88
C ASP A 20 26.63 -27.71 -17.60
N PRO A 21 27.23 -27.08 -16.58
CA PRO A 21 26.46 -26.84 -15.35
C PRO A 21 25.19 -26.06 -15.64
N VAL A 22 25.27 -25.06 -16.50
CA VAL A 22 24.08 -24.31 -16.90
C VAL A 22 23.05 -25.22 -17.56
N ALA A 23 23.50 -26.10 -18.46
CA ALA A 23 22.58 -27.00 -19.15
C ALA A 23 21.97 -28.01 -18.19
N CYS A 24 22.80 -28.55 -17.30
CA CYS A 24 22.35 -29.45 -16.25
CA CYS A 24 22.33 -29.45 -16.27
C CYS A 24 21.32 -28.75 -15.37
N PHE A 25 21.57 -27.48 -15.05
CA PHE A 25 20.68 -26.71 -14.17
C PHE A 25 19.33 -26.53 -14.84
N LEU A 26 19.34 -26.25 -16.14
CA LEU A 26 18.11 -26.04 -16.90
C LEU A 26 17.26 -27.30 -17.06
N SER A 27 17.90 -28.46 -17.16
CA SER A 27 17.15 -29.72 -17.15
C SER A 27 16.53 -29.91 -15.78
N TRP A 28 17.32 -29.63 -14.74
CA TRP A 28 16.83 -29.70 -13.37
C TRP A 28 15.60 -28.81 -13.20
N CYS A 29 15.69 -27.58 -13.69
CA CYS A 29 14.55 -26.67 -13.69
C CYS A 29 13.30 -27.34 -14.26
N ARG A 30 13.43 -27.93 -15.45
CA ARG A 30 12.31 -28.60 -16.08
C ARG A 30 11.78 -29.75 -15.21
N ARG A 31 12.69 -30.53 -14.63
CA ARG A 31 12.31 -31.61 -13.71
C ARG A 31 11.45 -31.11 -12.54
N VAL A 32 11.80 -29.95 -11.97
CA VAL A 32 11.10 -29.47 -10.77
C VAL A 32 10.04 -28.39 -11.05
N GLY A 33 9.78 -28.12 -12.32
CA GLY A 33 8.68 -27.24 -12.69
C GLY A 33 9.01 -25.76 -12.72
N LEU A 34 10.30 -25.44 -12.70
CA LEU A 34 10.74 -24.06 -12.76
C LEU A 34 10.75 -23.65 -14.22
N GLU A 35 9.91 -22.66 -14.55
CA GLU A 35 9.70 -22.26 -15.94
C GLU A 35 10.38 -20.94 -16.28
N LEU A 36 11.30 -20.98 -17.24
CA LEU A 36 11.98 -19.80 -17.74
C LEU A 36 11.34 -19.31 -19.03
N SER A 37 11.19 -18.00 -19.19
CA SER A 37 10.75 -17.45 -20.47
C SER A 37 11.82 -17.61 -21.54
N PRO A 38 11.39 -17.94 -22.77
CA PRO A 38 12.28 -18.19 -23.92
C PRO A 38 13.07 -16.94 -24.26
N LYS A 39 12.62 -15.83 -23.72
CA LYS A 39 13.26 -14.54 -23.93
C LYS A 39 14.43 -14.28 -22.99
N VAL A 40 14.60 -15.10 -21.96
CA VAL A 40 15.70 -14.90 -21.02
C VAL A 40 16.74 -15.99 -21.14
N ALA A 41 17.99 -15.63 -20.91
CA ALA A 41 19.09 -16.60 -20.99
C ALA A 41 20.06 -16.47 -19.82
N VAL A 42 20.43 -17.60 -19.23
CA VAL A 42 21.48 -17.63 -18.22
C VAL A 42 22.81 -17.53 -18.94
N SER A 43 23.66 -16.64 -18.48
CA SER A 43 24.89 -16.37 -19.20
C SER A 43 26.03 -15.93 -18.28
N ARG A 44 27.25 -16.05 -18.77
CA ARG A 44 28.41 -15.58 -18.05
C ARG A 44 29.13 -14.56 -18.94
N GLN A 45 28.49 -14.23 -20.05
CA GLN A 45 29.08 -13.32 -21.04
C GLN A 45 28.44 -11.93 -21.03
N GLY A 46 29.21 -10.93 -20.64
CA GLY A 46 28.76 -9.55 -20.70
C GLY A 46 28.00 -9.13 -19.46
N THR A 47 28.06 -9.96 -18.44
CA THR A 47 27.38 -9.66 -17.19
C THR A 47 28.30 -8.86 -16.27
N VAL A 48 27.73 -8.14 -15.31
CA VAL A 48 28.54 -7.35 -14.39
C VAL A 48 29.37 -8.25 -13.47
N ALA A 49 28.91 -9.47 -13.25
CA ALA A 49 29.62 -10.40 -12.38
C ALA A 49 29.12 -11.83 -12.50
N GLY A 50 30.04 -12.79 -12.55
CA GLY A 50 29.70 -14.20 -12.60
C GLY A 50 28.58 -14.53 -13.57
N TYR A 51 27.62 -15.33 -13.12
CA TYR A 51 26.41 -15.60 -13.88
C TYR A 51 25.42 -14.46 -13.77
N GLY A 52 24.63 -14.28 -14.81
CA GLY A 52 23.53 -13.33 -14.80
C GLY A 52 22.52 -13.81 -15.80
N MET A 53 21.40 -13.09 -15.93
CA MET A 53 20.45 -13.37 -16.99
C MET A 53 20.41 -12.19 -17.95
N VAL A 54 20.31 -12.51 -19.23
CA VAL A 54 20.35 -11.54 -20.29
C VAL A 54 19.09 -11.70 -21.12
N ALA A 55 18.58 -10.62 -21.69
CA ALA A 55 17.41 -10.72 -22.57
C ALA A 55 17.80 -11.24 -23.97
N ARG A 56 17.25 -12.39 -24.34
CA ARG A 56 17.40 -12.93 -25.68
C ARG A 56 16.64 -12.08 -26.68
N GLU A 57 15.51 -11.57 -26.24
CA GLU A 57 14.66 -10.72 -27.05
C GLU A 57 14.20 -9.59 -26.14
N SER A 58 13.87 -8.44 -26.72
CA SER A 58 13.42 -7.33 -25.90
C SER A 58 12.20 -7.73 -25.08
N VAL A 59 12.16 -7.27 -23.84
CA VAL A 59 11.11 -7.61 -22.90
C VAL A 59 10.36 -6.32 -22.53
N GLN A 60 9.05 -6.44 -22.36
CA GLN A 60 8.22 -5.30 -22.01
C GLN A 60 8.02 -5.22 -20.51
N ALA A 61 7.81 -4.02 -20.00
CA ALA A 61 7.46 -3.83 -18.60
C ALA A 61 6.27 -4.69 -18.23
N GLY A 62 6.36 -5.36 -17.08
CA GLY A 62 5.25 -6.16 -16.59
C GLY A 62 5.27 -7.59 -17.08
N GLU A 63 6.22 -7.90 -17.96
CA GLU A 63 6.31 -9.23 -18.56
C GLU A 63 6.92 -10.26 -17.62
N LEU A 64 6.32 -11.44 -17.60
CA LEU A 64 6.76 -12.52 -16.74
C LEU A 64 8.07 -13.14 -17.27
N LEU A 65 9.11 -13.17 -16.45
CA LEU A 65 10.41 -13.66 -16.88
C LEU A 65 10.61 -15.11 -16.48
N PHE A 66 10.21 -15.46 -15.26
CA PHE A 66 10.22 -16.85 -14.83
C PHE A 66 9.38 -17.14 -13.59
N VAL A 67 9.06 -18.41 -13.40
CA VAL A 67 8.26 -18.85 -12.27
C VAL A 67 8.99 -19.96 -11.53
N VAL A 68 9.04 -19.83 -10.20
CA VAL A 68 9.67 -20.82 -9.35
C VAL A 68 8.62 -21.39 -8.39
N PRO A 69 8.28 -22.69 -8.56
CA PRO A 69 7.35 -23.38 -7.66
C PRO A 69 7.91 -23.35 -6.25
N ARG A 70 7.05 -23.27 -5.24
CA ARG A 70 7.54 -23.20 -3.86
C ARG A 70 8.23 -24.47 -3.40
N ALA A 71 7.95 -25.60 -4.05
CA ALA A 71 8.56 -26.86 -3.66
C ALA A 71 10.00 -26.96 -4.18
N ALA A 72 10.37 -26.04 -5.06
CA ALA A 72 11.74 -25.99 -5.57
C ALA A 72 12.69 -25.20 -4.67
N LEU A 73 12.14 -24.38 -3.78
CA LEU A 73 12.95 -23.57 -2.86
C LEU A 73 13.73 -24.49 -1.94
N LEU A 74 14.92 -24.05 -1.54
CA LEU A 74 15.73 -24.81 -0.60
C LEU A 74 15.70 -24.10 0.74
N SER A 75 14.99 -24.70 1.70
CA SER A 75 14.83 -24.11 3.01
C SER A 75 14.93 -25.17 4.08
N GLN A 76 14.86 -24.72 5.33
CA GLN A 76 14.78 -25.62 6.47
C GLN A 76 13.55 -26.53 6.37
N HIS A 77 12.52 -26.05 5.69
CA HIS A 77 11.24 -26.77 5.57
C HIS A 77 11.17 -27.76 4.42
N THR A 78 11.83 -27.47 3.29
CA THR A 78 11.85 -28.38 2.15
C THR A 78 13.02 -29.35 2.15
N CYS A 79 14.05 -29.08 2.95
CA CYS A 79 15.21 -29.98 2.95
C CYS A 79 14.82 -31.33 3.56
N SER A 80 15.62 -32.36 3.26
CA SER A 80 15.32 -33.73 3.68
C SER A 80 15.31 -33.96 5.20
N ILE A 81 15.86 -33.03 5.97
CA ILE A 81 15.81 -33.17 7.43
C ILE A 81 14.96 -32.07 8.05
N GLY A 82 13.99 -31.58 7.29
CA GLY A 82 13.11 -30.53 7.77
C GLY A 82 12.45 -30.88 9.09
N GLY A 83 12.08 -32.15 9.24
CA GLY A 83 11.41 -32.61 10.44
C GLY A 83 12.28 -32.48 11.68
N LEU A 84 13.48 -33.05 11.62
CA LEU A 84 14.42 -32.96 12.74
C LEU A 84 14.69 -31.52 13.13
N LEU A 85 14.81 -30.65 12.13
CA LEU A 85 15.11 -29.24 12.35
C LEU A 85 13.96 -28.53 13.03
N GLU A 86 12.75 -28.77 12.53
CA GLU A 86 11.57 -28.19 13.16
C GLU A 86 11.46 -28.69 14.61
N ARG A 87 11.59 -30.00 14.77
CA ARG A 87 11.56 -30.65 16.06
C ARG A 87 12.49 -29.95 17.05
N GLU A 88 13.70 -29.60 16.57
CA GLU A 88 14.74 -29.03 17.42
C GLU A 88 14.85 -27.51 17.36
N ARG A 89 13.75 -26.84 17.01
CA ARG A 89 13.78 -25.40 16.75
C ARG A 89 14.26 -24.55 17.92
N VAL A 90 14.06 -25.02 19.15
CA VAL A 90 14.49 -24.29 20.34
C VAL A 90 16.01 -24.35 20.51
N ALA A 91 16.57 -25.55 20.31
CA ALA A 91 18.02 -25.71 20.45
C ALA A 91 18.75 -24.83 19.45
N LEU A 92 18.13 -24.58 18.30
CA LEU A 92 18.81 -23.99 17.16
C LEU A 92 18.63 -22.48 17.04
N GLN A 93 18.04 -21.85 18.06
CA GLN A 93 17.86 -20.39 18.06
C GLN A 93 19.18 -19.64 18.00
N SER A 94 19.13 -18.41 17.49
CA SER A 94 20.31 -17.55 17.44
C SER A 94 19.90 -16.13 17.12
N GLN A 95 20.87 -15.21 17.10
CA GLN A 95 20.59 -13.82 16.84
C GLN A 95 20.03 -13.60 15.43
N SER A 96 20.53 -14.39 14.48
CA SER A 96 20.15 -14.24 13.07
C SER A 96 18.90 -15.05 12.72
N GLY A 97 18.78 -16.24 13.30
CA GLY A 97 17.68 -17.11 12.99
C GLY A 97 17.99 -17.98 11.78
N TRP A 98 19.27 -18.04 11.40
CA TRP A 98 19.70 -18.74 10.18
C TRP A 98 20.24 -20.14 10.40
N VAL A 99 20.42 -20.53 11.66
CA VAL A 99 21.03 -21.83 11.94
C VAL A 99 20.28 -22.97 11.27
N PRO A 100 18.94 -22.99 11.36
CA PRO A 100 18.20 -24.03 10.65
C PRO A 100 18.51 -24.07 9.15
N LEU A 101 18.56 -22.92 8.49
CA LEU A 101 18.86 -22.90 7.06
C LEU A 101 20.29 -23.35 6.80
N LEU A 102 21.21 -22.94 7.67
CA LEU A 102 22.62 -23.29 7.51
C LEU A 102 22.84 -24.80 7.68
N LEU A 103 22.07 -25.41 8.58
CA LEU A 103 22.11 -26.87 8.74
C LEU A 103 21.48 -27.61 7.57
N ALA A 104 20.40 -27.06 7.01
CA ALA A 104 19.83 -27.64 5.80
C ALA A 104 20.87 -27.61 4.69
N LEU A 105 21.53 -26.46 4.50
CA LEU A 105 22.58 -26.34 3.49
C LEU A 105 23.74 -27.28 3.76
N LEU A 106 24.22 -27.30 5.00
CA LEU A 106 25.31 -28.18 5.38
C LEU A 106 24.97 -29.65 5.12
N HIS A 107 23.78 -30.07 5.53
CA HIS A 107 23.32 -31.41 5.24
C HIS A 107 23.24 -31.68 3.74
N GLU A 108 22.50 -30.85 3.01
CA GLU A 108 22.30 -31.07 1.59
C GLU A 108 23.61 -31.13 0.79
N LEU A 109 24.61 -30.40 1.27
CA LEU A 109 25.89 -30.33 0.56
C LEU A 109 26.69 -31.63 0.70
N GLN A 110 26.45 -32.35 1.79
CA GLN A 110 27.13 -33.63 1.99
C GLN A 110 26.24 -34.84 1.63
N ALA A 111 24.98 -34.57 1.31
CA ALA A 111 24.05 -35.62 0.89
C ALA A 111 24.39 -36.12 -0.50
N PRO A 112 24.59 -37.44 -0.63
CA PRO A 112 24.94 -38.10 -1.90
C PRO A 112 23.86 -37.89 -2.98
N ALA A 113 22.60 -38.09 -2.59
CA ALA A 113 21.48 -37.90 -3.50
C ALA A 113 20.67 -36.68 -3.12
N SER A 114 21.30 -35.50 -3.18
CA SER A 114 20.60 -34.26 -2.90
C SER A 114 19.76 -33.83 -4.10
N ARG A 115 18.49 -33.56 -3.83
CA ARG A 115 17.55 -33.12 -4.85
C ARG A 115 17.90 -31.76 -5.43
N TRP A 116 18.94 -31.11 -4.88
CA TRP A 116 19.33 -29.78 -5.35
C TRP A 116 20.76 -29.68 -5.95
N ARG A 117 21.44 -30.82 -6.16
CA ARG A 117 22.80 -30.81 -6.74
C ARG A 117 23.00 -29.85 -7.92
N PRO A 118 22.18 -29.98 -8.99
CA PRO A 118 22.34 -29.13 -10.17
C PRO A 118 22.19 -27.65 -9.84
N TYR A 119 21.50 -27.35 -8.74
CA TYR A 119 21.37 -26.00 -8.26
C TYR A 119 22.68 -25.51 -7.61
N PHE A 120 23.26 -26.34 -6.74
CA PHE A 120 24.52 -26.03 -6.07
C PHE A 120 25.67 -25.84 -7.04
N ALA A 121 25.56 -26.44 -8.23
CA ALA A 121 26.63 -26.37 -9.22
C ALA A 121 26.87 -24.97 -9.76
N LEU A 122 25.86 -24.11 -9.65
CA LEU A 122 25.99 -22.72 -10.12
C LEU A 122 26.47 -21.79 -9.02
N TRP A 123 26.53 -22.29 -7.79
CA TRP A 123 27.03 -21.48 -6.69
C TRP A 123 28.46 -21.05 -6.95
N PRO A 124 28.87 -19.92 -6.37
CA PRO A 124 30.23 -19.42 -6.56
C PRO A 124 31.24 -20.34 -5.87
N GLU A 125 32.51 -20.25 -6.24
CA GLU A 125 33.57 -20.95 -5.54
C GLU A 125 33.71 -20.36 -4.13
N LEU A 126 33.48 -21.19 -3.12
CA LEU A 126 33.34 -20.68 -1.76
C LEU A 126 34.61 -20.04 -1.22
N GLY A 127 35.75 -20.47 -1.72
CA GLY A 127 37.03 -19.92 -1.31
C GLY A 127 37.39 -18.60 -1.97
N ARG A 128 36.53 -18.12 -2.86
CA ARG A 128 36.80 -16.85 -3.54
C ARG A 128 35.75 -15.76 -3.29
N LEU A 129 35.04 -15.83 -2.16
CA LEU A 129 34.04 -14.83 -1.80
C LEU A 129 34.71 -13.51 -1.40
N GLU A 130 34.05 -12.40 -1.73
CA GLU A 130 34.68 -11.08 -1.65
C GLU A 130 34.25 -10.22 -0.45
N HIS A 131 33.45 -10.80 0.43
CA HIS A 131 32.98 -10.09 1.61
C HIS A 131 34.16 -9.60 2.45
N PRO A 132 34.05 -8.39 3.00
CA PRO A 132 35.13 -7.84 3.84
C PRO A 132 35.39 -8.66 5.09
N MET A 133 34.48 -9.58 5.41
CA MET A 133 34.68 -10.44 6.58
C MET A 133 35.84 -11.40 6.33
N PHE A 134 36.16 -11.58 5.06
CA PHE A 134 37.27 -12.46 4.67
C PHE A 134 38.56 -11.66 4.47
N TRP A 135 38.48 -10.34 4.57
CA TRP A 135 39.67 -9.51 4.48
C TRP A 135 40.48 -9.64 5.76
N PRO A 136 41.81 -9.46 5.67
CA PRO A 136 42.63 -9.31 6.88
C PRO A 136 42.02 -8.22 7.76
N GLU A 137 42.06 -8.43 9.06
CA GLU A 137 41.36 -7.54 9.97
C GLU A 137 41.86 -6.10 9.91
N GLU A 138 43.18 -5.92 9.78
CA GLU A 138 43.75 -4.57 9.71
C GLU A 138 43.31 -3.85 8.45
N GLU A 139 43.26 -4.58 7.34
CA GLU A 139 42.82 -4.00 6.08
C GLU A 139 41.36 -3.55 6.14
N ARG A 140 40.50 -4.42 6.64
CA ARG A 140 39.11 -4.07 6.84
C ARG A 140 38.98 -2.86 7.75
N ARG A 141 39.59 -2.95 8.93
CA ARG A 141 39.55 -1.89 9.92
C ARG A 141 40.02 -0.56 9.35
N CYS A 142 41.12 -0.61 8.61
CA CYS A 142 41.80 0.59 8.10
CA CYS A 142 41.77 0.61 8.12
C CYS A 142 41.18 1.18 6.83
N LEU A 143 40.75 0.32 5.91
CA LEU A 143 40.14 0.81 4.67
C LEU A 143 38.70 1.32 4.87
N LEU A 144 37.99 0.76 5.84
CA LEU A 144 36.57 1.00 5.98
C LEU A 144 36.17 1.73 7.25
N GLN A 145 37.15 2.32 7.91
CA GLN A 145 36.90 3.07 9.14
C GLN A 145 35.83 4.15 8.95
N GLY A 146 34.82 4.15 9.84
CA GLY A 146 33.79 5.16 9.82
C GLY A 146 32.61 4.86 8.91
N THR A 147 32.72 3.77 8.14
CA THR A 147 31.68 3.40 7.17
C THR A 147 30.60 2.51 7.79
N GLY A 148 30.86 2.01 8.99
CA GLY A 148 29.96 1.09 9.64
C GLY A 148 30.23 -0.37 9.32
N VAL A 149 31.08 -0.63 8.34
CA VAL A 149 31.35 -2.00 7.94
C VAL A 149 32.18 -2.77 8.97
N PRO A 150 33.27 -2.16 9.48
CA PRO A 150 34.10 -2.89 10.45
C PRO A 150 33.30 -3.29 11.68
N GLU A 151 32.44 -2.39 12.16
CA GLU A 151 31.58 -2.68 13.30
C GLU A 151 30.61 -3.84 13.01
N ALA A 152 29.99 -3.84 11.85
CA ALA A 152 29.05 -4.90 11.49
C ALA A 152 29.75 -6.24 11.33
N VAL A 153 30.88 -6.23 10.64
CA VAL A 153 31.64 -7.46 10.42
C VAL A 153 32.10 -8.06 11.74
N GLU A 154 32.59 -7.22 12.64
CA GLU A 154 33.04 -7.67 13.95
C GLU A 154 31.91 -8.36 14.71
N LYS A 155 30.71 -7.79 14.65
CA LYS A 155 29.55 -8.42 15.27
C LYS A 155 29.19 -9.75 14.59
N ASP A 156 29.21 -9.77 13.26
CA ASP A 156 29.01 -11.00 12.51
C ASP A 156 29.99 -12.09 12.94
N LEU A 157 31.28 -11.78 12.88
CA LEU A 157 32.32 -12.76 13.19
C LEU A 157 32.13 -13.37 14.57
N ALA A 158 31.70 -12.57 15.52
CA ALA A 158 31.48 -13.03 16.88
C ALA A 158 30.32 -14.03 16.92
N ASN A 159 29.19 -13.64 16.33
CA ASN A 159 28.03 -14.51 16.21
C ASN A 159 28.31 -15.82 15.45
N ILE A 160 28.96 -15.72 14.31
CA ILE A 160 29.34 -16.89 13.54
C ILE A 160 30.14 -17.87 14.38
N ARG A 161 31.10 -17.35 15.12
CA ARG A 161 31.99 -18.19 15.91
C ARG A 161 31.24 -18.83 17.07
N SER A 162 30.39 -18.10 17.77
CA SER A 162 29.64 -18.68 18.88
C SER A 162 28.62 -19.73 18.42
N GLU A 163 27.92 -19.44 17.32
CA GLU A 163 26.98 -20.39 16.72
C GLU A 163 27.65 -21.71 16.37
N TYR A 164 28.82 -21.63 15.75
CA TYR A 164 29.52 -22.84 15.35
C TYR A 164 29.88 -23.73 16.55
N GLN A 165 30.40 -23.12 17.60
CA GLN A 165 30.89 -23.87 18.76
C GLN A 165 29.81 -24.39 19.69
N SER A 166 28.79 -23.57 19.95
CA SER A 166 27.80 -23.92 20.95
C SER A 166 26.54 -24.53 20.36
N ILE A 167 26.37 -24.42 19.04
CA ILE A 167 25.13 -24.86 18.42
C ILE A 167 25.33 -25.79 17.24
N VAL A 168 26.05 -25.32 16.24
CA VAL A 168 26.12 -26.03 14.98
C VAL A 168 27.02 -27.26 15.05
N LEU A 169 28.21 -27.11 15.64
CA LEU A 169 29.13 -28.26 15.76
C LEU A 169 28.57 -29.36 16.67
N PRO A 170 28.02 -29.01 17.83
CA PRO A 170 27.45 -30.07 18.67
C PRO A 170 26.22 -30.75 18.04
N PHE A 171 25.44 -30.03 17.24
CA PHE A 171 24.30 -30.64 16.55
C PHE A 171 24.80 -31.64 15.52
N MET A 172 25.81 -31.24 14.75
CA MET A 172 26.36 -32.12 13.71
C MET A 172 26.95 -33.39 14.33
N GLU A 173 27.61 -33.23 15.47
CA GLU A 173 28.20 -34.34 16.20
C GLU A 173 27.13 -35.23 16.86
N ALA A 174 26.00 -34.65 17.20
CA ALA A 174 24.87 -35.43 17.71
C ALA A 174 24.18 -36.22 16.59
N HIS A 175 24.37 -35.81 15.34
CA HIS A 175 23.74 -36.49 14.19
C HIS A 175 24.73 -36.74 13.07
N PRO A 176 25.76 -37.56 13.35
CA PRO A 176 26.86 -37.86 12.43
C PRO A 176 26.35 -38.52 11.15
N ASP A 177 25.27 -39.26 11.25
CA ASP A 177 24.62 -39.87 10.10
C ASP A 177 24.26 -38.80 9.05
N LEU A 178 23.81 -37.64 9.52
CA LEU A 178 23.31 -36.57 8.66
C LEU A 178 24.36 -35.53 8.25
N PHE A 179 25.54 -35.59 8.83
CA PHE A 179 26.58 -34.59 8.58
C PHE A 179 27.96 -35.21 8.53
N SER A 180 28.47 -35.49 7.33
CA SER A 180 29.79 -36.09 7.23
C SER A 180 30.84 -35.16 7.84
N LEU A 181 32.02 -35.70 8.08
CA LEU A 181 33.07 -35.00 8.77
C LEU A 181 33.60 -33.83 7.94
N ARG A 182 33.57 -34.00 6.62
CA ARG A 182 34.08 -32.98 5.70
C ARG A 182 33.29 -31.66 5.75
N VAL A 183 32.04 -31.68 6.23
CA VAL A 183 31.30 -30.42 6.41
C VAL A 183 31.32 -29.88 7.85
N ARG A 184 32.04 -30.54 8.74
CA ARG A 184 32.20 -30.01 10.08
C ARG A 184 33.39 -29.07 10.08
N SER A 185 33.16 -27.86 9.56
CA SER A 185 34.23 -26.93 9.23
C SER A 185 33.85 -25.50 9.58
N LEU A 186 34.67 -24.87 10.42
CA LEU A 186 34.47 -23.46 10.75
C LEU A 186 34.59 -22.59 9.50
N GLU A 187 35.65 -22.82 8.73
CA GLU A 187 35.85 -22.09 7.48
C GLU A 187 34.64 -22.21 6.55
N LEU A 188 34.13 -23.44 6.40
CA LEU A 188 32.94 -23.66 5.59
C LEU A 188 31.72 -22.96 6.15
N TYR A 189 31.62 -22.93 7.48
CA TYR A 189 30.47 -22.30 8.12
C TYR A 189 30.46 -20.79 7.85
N HIS A 190 31.66 -20.19 7.82
CA HIS A 190 31.80 -18.80 7.44
C HIS A 190 31.34 -18.55 6.00
N GLN A 191 31.70 -19.47 5.11
CA GLN A 191 31.41 -19.34 3.69
C GLN A 191 29.91 -19.43 3.44
N LEU A 192 29.27 -20.36 4.14
CA LEU A 192 27.83 -20.54 4.01
C LEU A 192 27.03 -19.38 4.61
N VAL A 193 27.55 -18.77 5.67
CA VAL A 193 26.91 -17.57 6.21
C VAL A 193 26.95 -16.44 5.19
N ALA A 194 28.12 -16.22 4.61
CA ALA A 194 28.33 -15.25 3.55
C ALA A 194 27.40 -15.53 2.37
N LEU A 195 27.25 -16.80 2.01
CA LEU A 195 26.39 -17.21 0.91
C LEU A 195 24.92 -16.90 1.20
N VAL A 196 24.48 -17.21 2.41
CA VAL A 196 23.12 -16.90 2.82
C VAL A 196 22.90 -15.40 2.79
N MET A 197 23.88 -14.65 3.29
CA MET A 197 23.85 -13.20 3.25
C MET A 197 23.66 -12.67 1.84
N ALA A 198 24.39 -13.24 0.89
CA ALA A 198 24.46 -12.70 -0.46
C ALA A 198 23.46 -13.33 -1.43
N TYR A 199 22.96 -14.52 -1.11
CA TYR A 199 22.14 -15.28 -2.06
C TYR A 199 20.68 -15.51 -1.62
N SER A 200 20.43 -15.54 -0.32
CA SER A 200 19.13 -15.94 0.19
C SER A 200 18.05 -14.87 -0.01
N PHE A 201 16.79 -15.30 -0.02
CA PHE A 201 15.64 -14.40 -0.03
C PHE A 201 14.87 -14.50 1.29
N GLN A 202 14.40 -13.37 1.81
CA GLN A 202 13.53 -13.37 2.97
C GLN A 202 12.16 -12.86 2.56
N GLU A 203 11.14 -13.70 2.65
CA GLU A 203 9.81 -13.31 2.20
C GLU A 203 9.15 -12.37 3.20
N PRO A 204 8.66 -11.22 2.73
CA PRO A 204 8.02 -10.25 3.64
C PRO A 204 6.81 -10.88 4.32
N LEU A 205 6.52 -10.48 5.56
CA LEU A 205 5.36 -11.03 6.26
C LEU A 205 4.06 -10.39 5.80
N GLU A 206 2.97 -11.14 5.95
CA GLU A 206 1.62 -10.62 5.71
C GLU A 206 1.30 -10.47 4.23
N LYS A 212 4.36 -10.54 14.62
CA LYS A 212 5.34 -10.37 13.54
C LYS A 212 6.61 -11.19 13.76
N GLU A 213 6.55 -12.49 13.48
CA GLU A 213 7.76 -13.34 13.48
C GLU A 213 8.31 -13.48 12.06
N PRO A 214 9.39 -12.75 11.75
CA PRO A 214 9.97 -12.67 10.40
C PRO A 214 10.29 -14.05 9.84
N ASN A 215 9.88 -14.28 8.60
CA ASN A 215 10.25 -15.49 7.89
C ASN A 215 11.76 -15.63 7.83
N SER A 216 12.24 -16.84 8.03
CA SER A 216 13.65 -17.14 7.83
C SER A 216 13.94 -17.15 6.32
N PRO A 217 15.20 -16.86 5.94
CA PRO A 217 15.61 -16.85 4.53
C PRO A 217 15.45 -18.21 3.86
N VAL A 218 15.26 -18.19 2.54
CA VAL A 218 15.26 -19.41 1.74
C VAL A 218 16.18 -19.21 0.54
N MET A 219 16.65 -20.30 -0.04
CA MET A 219 17.40 -20.22 -1.28
C MET A 219 16.43 -20.39 -2.45
N VAL A 220 16.43 -19.44 -3.37
CA VAL A 220 15.52 -19.48 -4.51
C VAL A 220 16.28 -19.72 -5.81
N PRO A 221 16.19 -20.94 -6.34
CA PRO A 221 16.90 -21.27 -7.57
C PRO A 221 16.47 -20.39 -8.75
N ALA A 222 17.43 -20.05 -9.61
CA ALA A 222 17.20 -19.17 -10.77
C ALA A 222 17.10 -17.69 -10.39
N ALA A 223 16.32 -17.38 -9.36
CA ALA A 223 16.16 -16.00 -8.95
C ALA A 223 17.48 -15.45 -8.41
N ASP A 224 18.27 -16.31 -7.77
CA ASP A 224 19.56 -15.88 -7.21
C ASP A 224 20.69 -15.93 -8.24
N ILE A 225 20.32 -15.94 -9.52
CA ILE A 225 21.26 -15.79 -10.61
C ILE A 225 21.35 -14.32 -11.03
N LEU A 226 20.28 -13.57 -10.78
CA LEU A 226 20.22 -12.17 -11.21
C LEU A 226 21.06 -11.21 -10.36
N ASN A 227 21.88 -10.40 -11.02
CA ASN A 227 22.65 -9.36 -10.36
C ASN A 227 21.78 -8.16 -9.98
N HIS A 228 22.35 -7.22 -9.23
CA HIS A 228 21.59 -6.11 -8.65
C HIS A 228 22.08 -4.75 -9.12
N LEU A 229 21.13 -3.84 -9.31
CA LEU A 229 21.43 -2.43 -9.54
C LEU A 229 20.38 -1.58 -8.84
N ALA A 230 20.76 -0.37 -8.44
CA ALA A 230 19.79 0.59 -7.92
C ALA A 230 18.74 0.82 -8.99
N ASN A 231 19.21 1.03 -10.23
CA ASN A 231 18.34 1.13 -11.39
C ASN A 231 18.04 -0.25 -11.97
N HIS A 232 17.18 -1.00 -11.29
CA HIS A 232 16.89 -2.37 -11.68
C HIS A 232 15.77 -2.44 -12.72
N ASN A 233 15.63 -3.59 -13.38
CA ASN A 233 14.59 -3.76 -14.39
C ASN A 233 13.77 -5.03 -14.17
N ALA A 234 13.95 -5.64 -13.00
CA ALA A 234 13.16 -6.81 -12.61
C ALA A 234 12.96 -6.87 -11.09
N ASN A 235 11.86 -7.48 -10.68
CA ASN A 235 11.67 -7.76 -9.26
C ASN A 235 10.78 -8.98 -8.99
N LEU A 236 10.96 -9.56 -7.80
CA LEU A 236 10.25 -10.79 -7.44
C LEU A 236 8.90 -10.51 -6.79
N GLU A 237 7.91 -11.32 -7.15
CA GLU A 237 6.60 -11.29 -6.52
C GLU A 237 6.31 -12.66 -5.93
N TYR A 238 5.70 -12.67 -4.74
CA TYR A 238 5.30 -13.93 -4.11
C TYR A 238 3.81 -14.17 -4.32
N SER A 239 3.45 -15.42 -4.57
CA SER A 239 2.06 -15.81 -4.68
C SER A 239 1.91 -17.05 -3.82
N ALA A 240 0.68 -17.56 -3.76
CA ALA A 240 0.39 -18.71 -2.91
C ALA A 240 1.29 -19.91 -3.19
N ASN A 241 1.42 -20.27 -4.47
CA ASN A 241 2.08 -21.52 -4.83
C ASN A 241 3.46 -21.36 -5.46
N CYS A 242 3.86 -20.12 -5.72
CA CYS A 242 5.08 -19.87 -6.48
C CYS A 242 5.62 -18.45 -6.35
N LEU A 243 6.86 -18.27 -6.80
CA LEU A 243 7.49 -16.96 -6.91
C LEU A 243 7.58 -16.58 -8.38
N ARG A 244 7.37 -15.32 -8.69
CA ARG A 244 7.41 -14.85 -10.06
C ARG A 244 8.40 -13.70 -10.21
N MET A 245 9.34 -13.85 -11.14
CA MET A 245 10.23 -12.76 -11.46
C MET A 245 9.64 -12.02 -12.65
N VAL A 246 9.37 -10.73 -12.47
CA VAL A 246 8.69 -9.92 -13.48
C VAL A 246 9.50 -8.69 -13.84
N ALA A 247 9.48 -8.32 -15.11
CA ALA A 247 10.12 -7.09 -15.57
C ALA A 247 9.40 -5.85 -15.01
N THR A 248 10.17 -4.86 -14.60
CA THR A 248 9.63 -3.59 -14.12
C THR A 248 9.87 -2.47 -15.15
N GLN A 249 10.79 -2.71 -16.06
CA GLN A 249 11.10 -1.78 -17.14
C GLN A 249 11.20 -2.57 -18.43
N PRO A 250 11.02 -1.91 -19.57
CA PRO A 250 11.39 -2.57 -20.83
C PRO A 250 12.88 -2.92 -20.83
N ILE A 251 13.21 -4.12 -21.29
CA ILE A 251 14.60 -4.56 -21.36
C ILE A 251 14.95 -4.88 -22.79
N PRO A 252 15.81 -4.06 -23.41
CA PRO A 252 16.12 -4.32 -24.82
C PRO A 252 16.96 -5.58 -25.03
N LYS A 253 16.89 -6.13 -26.23
CA LYS A 253 17.68 -7.30 -26.61
C LYS A 253 19.14 -7.18 -26.23
N GLY A 254 19.67 -8.22 -25.58
CA GLY A 254 21.08 -8.26 -25.23
C GLY A 254 21.46 -7.59 -23.92
N HIS A 255 20.48 -6.96 -23.27
CA HIS A 255 20.73 -6.26 -22.02
C HIS A 255 20.51 -7.15 -20.81
N GLU A 256 21.40 -7.01 -19.82
CA GLU A 256 21.32 -7.83 -18.61
C GLU A 256 20.06 -7.51 -17.82
N ILE A 257 19.54 -8.53 -17.16
CA ILE A 257 18.35 -8.39 -16.34
C ILE A 257 18.78 -8.24 -14.88
N PHE A 258 18.43 -7.12 -14.27
CA PHE A 258 18.87 -6.81 -12.91
C PHE A 258 17.72 -6.83 -11.90
N ASN A 259 17.83 -7.72 -10.92
CA ASN A 259 16.96 -7.72 -9.76
C ASN A 259 17.37 -6.59 -8.80
N THR A 260 16.52 -6.30 -7.82
CA THR A 260 16.90 -5.41 -6.73
C THR A 260 16.98 -6.17 -5.43
N TYR A 261 18.11 -6.08 -4.75
CA TYR A 261 18.28 -6.77 -3.47
C TYR A 261 17.64 -5.98 -2.34
N GLY A 262 17.28 -4.73 -2.64
CA GLY A 262 16.64 -3.84 -1.69
C GLY A 262 17.11 -2.42 -1.98
N GLN A 263 16.65 -1.46 -1.19
CA GLN A 263 17.23 -0.11 -1.23
C GLN A 263 18.57 -0.14 -0.51
N MET A 264 19.64 -0.36 -1.26
CA MET A 264 20.92 -0.69 -0.66
C MET A 264 22.00 0.36 -0.84
N ALA A 265 22.49 0.91 0.27
CA ALA A 265 23.68 1.76 0.25
C ALA A 265 24.92 0.91 -0.01
N ASN A 266 25.98 1.52 -0.49
CA ASN A 266 27.20 0.77 -0.78
C ASN A 266 27.80 0.09 0.44
N TRP A 267 27.63 0.69 1.62
CA TRP A 267 28.20 0.07 2.81
C TRP A 267 27.50 -1.25 3.12
N GLN A 268 26.20 -1.33 2.82
CA GLN A 268 25.45 -2.58 2.98
C GLN A 268 25.77 -3.60 1.88
N LEU A 269 25.97 -3.10 0.67
CA LEU A 269 26.30 -3.97 -0.46
C LEU A 269 27.61 -4.68 -0.22
N ILE A 270 28.62 -3.95 0.21
CA ILE A 270 29.94 -4.56 0.39
C ILE A 270 29.94 -5.53 1.57
N HIS A 271 29.29 -5.13 2.66
CA HIS A 271 29.13 -5.97 3.83
C HIS A 271 28.39 -7.28 3.53
N MET A 272 27.22 -7.16 2.92
CA MET A 272 26.37 -8.32 2.66
C MET A 272 26.69 -9.07 1.37
N TYR A 273 27.15 -8.35 0.35
CA TYR A 273 27.27 -8.94 -0.98
C TYR A 273 28.66 -8.90 -1.59
N GLY A 274 29.60 -8.21 -0.94
CA GLY A 274 30.96 -8.13 -1.44
C GLY A 274 31.15 -7.35 -2.74
N PHE A 275 30.25 -6.42 -3.03
CA PHE A 275 30.44 -5.51 -4.16
C PHE A 275 29.95 -4.11 -3.82
N VAL A 276 30.30 -3.15 -4.68
CA VAL A 276 29.79 -1.80 -4.56
C VAL A 276 29.39 -1.32 -5.94
N GLU A 277 28.50 -0.34 -6.00
CA GLU A 277 28.21 0.35 -7.25
C GLU A 277 29.05 1.62 -7.32
N PRO A 278 29.83 1.76 -8.40
CA PRO A 278 30.73 2.91 -8.54
C PRO A 278 29.95 4.22 -8.67
N TYR A 279 30.47 5.28 -8.07
CA TYR A 279 29.85 6.59 -8.14
C TYR A 279 29.73 6.99 -9.61
N PRO A 280 28.59 7.57 -10.02
CA PRO A 280 27.41 7.92 -9.22
C PRO A 280 26.27 6.92 -9.34
N ASP A 281 26.55 5.69 -9.75
CA ASP A 281 25.51 4.71 -10.06
C ASP A 281 24.49 4.46 -8.94
N ASN A 282 24.96 4.45 -7.69
CA ASN A 282 24.09 4.08 -6.57
C ASN A 282 23.21 5.23 -6.08
N THR A 283 22.06 5.40 -6.73
CA THR A 283 21.14 6.47 -6.37
C THR A 283 20.53 6.23 -4.99
N ASP A 284 20.74 5.03 -4.44
CA ASP A 284 20.23 4.68 -3.11
C ASP A 284 21.28 4.74 -1.99
N ASP A 285 22.44 5.33 -2.28
CA ASP A 285 23.51 5.38 -1.30
C ASP A 285 23.10 6.23 -0.10
N THR A 286 23.71 5.94 1.04
CA THR A 286 23.39 6.66 2.27
C THR A 286 24.63 6.85 3.13
N ALA A 287 24.53 7.82 4.04
CA ALA A 287 25.51 8.00 5.11
C ALA A 287 24.73 8.00 6.41
N ASP A 288 25.35 7.48 7.47
CA ASP A 288 24.71 7.45 8.79
C ASP A 288 25.31 8.49 9.72
N ILE A 289 24.42 9.17 10.43
CA ILE A 289 24.80 9.98 11.58
C ILE A 289 24.30 9.25 12.82
N GLN A 290 25.22 8.79 13.66
CA GLN A 290 24.83 8.07 14.86
C GLN A 290 24.00 8.98 15.75
N MET A 291 22.95 8.42 16.35
CA MET A 291 22.02 9.22 17.14
C MET A 291 22.72 9.91 18.32
N VAL A 292 23.66 9.23 18.94
CA VAL A 292 24.33 9.81 20.10
C VAL A 292 25.28 10.93 19.68
N THR A 293 25.68 10.94 18.42
CA THR A 293 26.49 12.03 17.89
C THR A 293 25.68 13.33 17.88
N VAL A 294 24.39 13.23 17.58
CA VAL A 294 23.51 14.40 17.63
C VAL A 294 23.41 14.89 19.08
N ARG A 295 23.22 13.95 20.00
CA ARG A 295 23.23 14.27 21.42
C ARG A 295 24.53 14.99 21.80
N GLU A 296 25.65 14.39 21.43
CA GLU A 296 26.95 15.00 21.68
C GLU A 296 27.01 16.44 21.19
N ALA A 297 26.57 16.68 19.96
CA ALA A 297 26.58 18.04 19.42
C ALA A 297 25.76 18.96 20.32
N ALA A 298 24.65 18.45 20.83
CA ALA A 298 23.77 19.20 21.70
C ALA A 298 24.45 19.52 23.03
N LEU A 299 25.15 18.54 23.59
CA LEU A 299 25.91 18.72 24.83
C LEU A 299 27.05 19.71 24.64
N GLN A 300 27.75 19.57 23.52
CA GLN A 300 28.89 20.42 23.21
C GLN A 300 28.52 21.89 23.29
N GLY A 301 27.28 22.21 22.93
CA GLY A 301 26.82 23.59 22.91
C GLY A 301 26.43 24.15 24.26
N THR A 302 26.43 23.30 25.29
CA THR A 302 26.04 23.73 26.64
C THR A 302 27.18 24.41 27.39
N LYS A 303 26.82 25.49 28.10
CA LYS A 303 27.78 26.22 28.92
C LYS A 303 27.71 25.80 30.40
N THR A 304 26.64 25.10 30.77
CA THR A 304 26.36 24.82 32.19
C THR A 304 25.96 23.37 32.49
N GLU A 305 26.47 22.86 33.60
CA GLU A 305 26.10 21.55 34.10
C GLU A 305 24.57 21.42 34.15
N ALA A 306 23.90 22.55 34.34
CA ALA A 306 22.45 22.55 34.34
C ALA A 306 21.92 22.33 32.92
N GLU A 307 22.56 23.01 31.96
CA GLU A 307 22.22 22.90 30.54
C GLU A 307 22.43 21.49 30.00
N ARG A 308 23.51 20.86 30.44
CA ARG A 308 23.75 19.45 30.14
C ARG A 308 22.53 18.64 30.49
N HIS A 309 22.09 18.73 31.73
CA HIS A 309 21.03 17.85 32.24
C HIS A 309 19.66 18.08 31.62
N LEU A 310 19.45 19.27 31.09
CA LEU A 310 18.21 19.56 30.37
C LEU A 310 18.29 18.96 28.98
N VAL A 311 19.51 18.76 28.50
CA VAL A 311 19.73 18.04 27.24
C VAL A 311 19.28 16.59 27.39
N TYR A 312 19.69 15.94 28.47
CA TYR A 312 19.35 14.54 28.68
C TYR A 312 17.86 14.33 28.93
N GLU A 313 17.17 15.38 29.34
CA GLU A 313 15.74 15.27 29.57
C GLU A 313 15.06 15.23 28.21
N ARG A 314 15.51 16.08 27.31
CA ARG A 314 15.03 16.05 25.93
C ARG A 314 15.40 14.72 25.26
N TRP A 315 16.61 14.23 25.53
CA TRP A 315 17.00 12.93 24.99
C TRP A 315 16.02 11.83 25.42
N ASP A 316 15.77 11.73 26.72
CA ASP A 316 14.89 10.68 27.25
C ASP A 316 13.48 10.75 26.70
N PHE A 317 12.95 11.96 26.53
CA PHE A 317 11.63 12.12 25.95
C PHE A 317 11.59 11.52 24.53
N LEU A 318 12.68 11.71 23.78
CA LEU A 318 12.80 11.17 22.43
C LEU A 318 12.95 9.65 22.47
N CYS A 319 13.64 9.14 23.48
CA CYS A 319 13.73 7.70 23.69
C CYS A 319 12.35 7.11 24.00
N LYS A 320 11.50 7.88 24.68
CA LYS A 320 10.14 7.43 24.97
C LYS A 320 9.31 7.39 23.70
N LEU A 321 9.39 8.44 22.88
CA LEU A 321 8.70 8.47 21.59
C LEU A 321 9.21 7.39 20.65
N GLU A 322 10.31 6.74 21.05
CA GLU A 322 10.99 5.78 20.19
C GLU A 322 11.44 6.44 18.91
N MET A 323 11.96 7.66 19.03
CA MET A 323 12.51 8.40 17.91
C MET A 323 14.04 8.28 17.89
N VAL A 324 14.63 8.10 19.06
CA VAL A 324 16.06 7.81 19.16
C VAL A 324 16.32 6.59 20.03
N GLY A 325 17.59 6.20 20.07
CA GLY A 325 18.04 5.04 20.83
C GLY A 325 19.54 5.08 20.86
N GLU A 326 20.13 4.45 21.87
CA GLU A 326 21.57 4.54 22.09
C GLU A 326 22.43 3.96 20.96
N GLU A 327 21.92 2.98 20.22
CA GLU A 327 22.72 2.34 19.17
C GLU A 327 22.18 2.51 17.76
N GLY A 328 21.16 3.35 17.61
CA GLY A 328 20.63 3.64 16.30
C GLY A 328 21.35 4.79 15.60
N ALA A 329 21.03 4.97 14.33
CA ALA A 329 21.61 6.03 13.55
C ALA A 329 20.55 6.68 12.67
N PHE A 330 20.74 7.96 12.36
CA PHE A 330 19.94 8.61 11.34
C PHE A 330 20.55 8.27 9.98
N VAL A 331 19.69 8.00 9.00
CA VAL A 331 20.15 7.56 7.69
C VAL A 331 19.90 8.64 6.66
N ILE A 332 20.98 9.15 6.07
CA ILE A 332 20.91 10.28 5.18
C ILE A 332 21.07 9.85 3.73
N GLY A 333 20.05 10.11 2.91
CA GLY A 333 20.07 9.77 1.50
C GLY A 333 20.63 10.91 0.67
N ARG A 334 20.79 10.66 -0.62
CA ARG A 334 21.33 11.65 -1.54
C ARG A 334 20.41 12.85 -1.77
N GLU A 335 19.10 12.62 -1.81
CA GLU A 335 18.15 13.70 -2.05
C GLU A 335 17.22 13.93 -0.87
N GLU A 336 17.25 13.01 0.10
CA GLU A 336 16.28 13.03 1.20
C GLU A 336 16.79 12.21 2.39
N VAL A 337 16.46 12.67 3.59
CA VAL A 337 16.72 11.89 4.80
C VAL A 337 15.75 10.72 4.83
N LEU A 338 16.27 9.52 5.06
CA LEU A 338 15.43 8.32 5.06
C LEU A 338 14.74 8.09 6.42
N THR A 339 15.49 8.12 7.52
CA THR A 339 14.90 8.10 8.86
C THR A 339 14.36 9.49 9.14
N GLU A 340 13.35 9.85 8.36
CA GLU A 340 12.89 11.22 8.26
C GLU A 340 12.15 11.71 9.51
N GLU A 341 11.17 10.96 10.00
CA GLU A 341 10.44 11.44 11.17
C GLU A 341 11.27 11.38 12.45
N GLU A 342 12.17 10.39 12.56
CA GLU A 342 13.05 10.29 13.71
C GLU A 342 13.87 11.57 13.82
N LEU A 343 14.46 11.99 12.71
CA LEU A 343 15.34 13.15 12.72
C LEU A 343 14.58 14.46 12.90
N THR A 344 13.52 14.64 12.12
CA THR A 344 12.74 15.88 12.22
C THR A 344 12.27 16.08 13.65
N THR A 345 11.86 14.98 14.29
CA THR A 345 11.36 15.05 15.65
C THR A 345 12.50 15.29 16.65
N THR A 346 13.66 14.70 16.38
CA THR A 346 14.83 14.92 17.24
C THR A 346 15.27 16.37 17.20
N LEU A 347 15.29 16.95 16.01
CA LEU A 347 15.67 18.34 15.88
C LEU A 347 14.68 19.23 16.61
N LYS A 348 13.38 18.96 16.40
CA LYS A 348 12.33 19.75 17.01
C LYS A 348 12.50 19.81 18.52
N VAL A 349 12.58 18.64 19.13
CA VAL A 349 12.62 18.52 20.58
C VAL A 349 13.90 19.08 21.22
N LEU A 350 15.06 18.78 20.64
CA LEU A 350 16.32 19.27 21.17
C LEU A 350 16.44 20.78 21.08
N CYS A 351 15.68 21.38 20.17
CA CYS A 351 15.83 22.80 19.85
C CYS A 351 14.71 23.72 20.39
N MET A 352 13.55 23.14 20.69
CA MET A 352 12.40 23.92 21.15
C MET A 352 12.67 24.63 22.48
N PRO A 353 12.09 25.82 22.65
CA PRO A 353 12.32 26.61 23.87
C PRO A 353 12.13 25.76 25.12
N ALA A 354 12.93 25.98 26.15
CA ALA A 354 12.88 25.16 27.36
C ALA A 354 11.51 25.21 28.03
N GLU A 355 10.86 26.36 27.93
CA GLU A 355 9.50 26.50 28.41
C GLU A 355 8.57 25.65 27.55
N GLU A 356 8.67 25.85 26.23
CA GLU A 356 7.85 25.11 25.27
C GLU A 356 7.99 23.60 25.41
N PHE A 357 9.06 23.15 26.06
CA PHE A 357 9.30 21.72 26.26
C PHE A 357 8.58 21.15 27.48
N ARG A 358 8.60 21.89 28.58
CA ARG A 358 7.94 21.44 29.81
C ARG A 358 6.46 21.14 29.61
N GLU A 359 5.81 21.88 28.71
CA GLU A 359 4.41 21.65 28.44
C GLU A 359 4.17 20.41 27.56
N LEU A 360 5.20 20.02 26.80
CA LEU A 360 5.16 18.79 26.01
C LEU A 360 5.45 17.58 26.89
N LYS A 361 6.39 17.75 27.82
CA LYS A 361 6.74 16.68 28.74
C LYS A 361 5.57 16.34 29.67
N ASP A 362 4.51 17.16 29.59
CA ASP A 362 3.30 16.94 30.36
C ASP A 362 2.16 16.52 29.45
N GLN A 363 1.69 17.46 28.62
CA GLN A 363 0.72 17.18 27.58
C GLN A 363 1.40 16.46 26.40
N LYS A 370 1.05 12.95 18.80
CA LYS A 370 1.69 12.87 17.50
C LYS A 370 3.13 13.42 17.53
N ARG A 371 3.84 13.24 16.41
CA ARG A 371 5.20 13.76 16.21
C ARG A 371 5.26 14.78 15.07
N GLU A 372 6.47 15.17 14.66
CA GLU A 372 6.62 16.24 13.65
C GLU A 372 6.68 15.75 12.20
N GLU A 373 5.73 16.22 11.42
CA GLU A 373 5.58 15.85 10.03
C GLU A 373 6.58 16.59 9.16
N GLY A 374 6.65 16.23 7.88
CA GLY A 374 7.42 16.98 6.92
C GLY A 374 8.64 16.27 6.35
N SER A 375 9.03 16.66 5.14
CA SER A 375 10.17 16.04 4.49
C SER A 375 11.47 16.78 4.78
N LEU A 376 12.57 16.05 4.74
CA LEU A 376 13.91 16.63 4.86
C LEU A 376 14.65 16.35 3.56
N THR A 377 14.58 17.30 2.64
CA THR A 377 15.17 17.14 1.32
C THR A 377 16.21 18.22 1.09
N ILE A 378 16.92 18.12 -0.02
CA ILE A 378 17.89 19.14 -0.41
C ILE A 378 17.30 20.54 -0.46
N THR A 379 16.04 20.66 -0.88
CA THR A 379 15.37 21.96 -0.95
C THR A 379 14.84 22.43 0.40
N ASN A 380 14.36 21.49 1.20
CA ASN A 380 13.77 21.80 2.51
C ASN A 380 14.78 22.21 3.57
N ILE A 381 15.94 21.56 3.57
CA ILE A 381 16.87 21.69 4.69
C ILE A 381 17.36 23.12 4.93
N PRO A 382 17.72 23.84 3.86
CA PRO A 382 18.16 25.21 4.06
C PRO A 382 17.05 26.16 4.56
N LYS A 383 15.80 25.70 4.51
CA LYS A 383 14.66 26.50 4.97
C LYS A 383 14.32 26.25 6.44
N LEU A 384 15.02 25.30 7.07
CA LEU A 384 14.75 24.98 8.47
C LEU A 384 15.19 26.12 9.38
N LYS A 385 14.76 26.08 10.64
CA LYS A 385 15.21 27.04 11.65
C LYS A 385 16.72 27.04 11.74
N ALA A 386 17.28 28.19 12.09
CA ALA A 386 18.71 28.32 12.31
C ALA A 386 19.22 27.31 13.33
N SER A 387 18.46 27.14 14.40
CA SER A 387 18.87 26.23 15.46
C SER A 387 18.91 24.74 15.02
N TRP A 388 17.97 24.32 14.19
CA TRP A 388 17.98 22.97 13.64
C TRP A 388 19.20 22.76 12.76
N ARG A 389 19.42 23.70 11.85
CA ARG A 389 20.54 23.64 10.91
C ARG A 389 21.91 23.64 11.59
N GLN A 390 22.01 24.34 12.70
CA GLN A 390 23.27 24.44 13.44
C GLN A 390 23.56 23.14 14.18
N LEU A 391 22.52 22.54 14.75
CA LEU A 391 22.69 21.29 15.46
C LEU A 391 23.08 20.19 14.48
N LEU A 392 22.41 20.17 13.33
CA LEU A 392 22.70 19.23 12.26
C LEU A 392 24.11 19.46 11.72
N GLN A 393 24.45 20.70 11.42
CA GLN A 393 25.78 21.06 10.95
C GLN A 393 26.85 20.48 11.86
N ASN A 394 26.69 20.67 13.16
CA ASN A 394 27.69 20.24 14.13
C ASN A 394 27.76 18.73 14.23
N SER A 395 26.61 18.07 14.12
CA SER A 395 26.56 16.61 14.15
C SER A 395 27.31 16.01 12.95
N VAL A 396 27.18 16.65 11.80
CA VAL A 396 27.82 16.20 10.57
C VAL A 396 29.33 16.39 10.63
N LEU A 397 29.77 17.48 11.25
CA LEU A 397 31.19 17.73 11.45
C LEU A 397 31.79 16.64 12.33
N LEU A 398 31.08 16.29 13.40
CA LEU A 398 31.50 15.19 14.27
C LEU A 398 31.55 13.85 13.53
N THR A 399 30.57 13.61 12.68
CA THR A 399 30.51 12.38 11.91
C THR A 399 31.69 12.29 10.93
N LEU A 400 31.96 13.37 10.21
CA LEU A 400 33.06 13.40 9.26
C LEU A 400 34.40 13.17 9.94
N GLN A 401 34.50 13.52 11.22
CA GLN A 401 35.74 13.34 11.98
C GLN A 401 36.04 11.89 12.32
N THR A 402 35.07 11.00 12.14
CA THR A 402 35.25 9.57 12.45
C THR A 402 35.93 8.79 11.33
N TYR A 403 36.09 9.43 10.17
CA TYR A 403 36.82 8.82 9.07
C TYR A 403 38.30 9.15 9.24
N ALA A 404 39.17 8.40 8.58
CA ALA A 404 40.60 8.62 8.70
C ALA A 404 41.03 9.89 7.97
N THR A 405 40.44 10.13 6.80
CA THR A 405 40.77 11.32 6.00
C THR A 405 39.54 12.14 5.69
N ASP A 406 39.75 13.31 5.10
CA ASP A 406 38.65 14.16 4.67
C ASP A 406 38.22 13.78 3.27
N LEU A 407 37.19 14.44 2.76
CA LEU A 407 36.67 14.14 1.43
C LEU A 407 37.66 14.48 0.31
N LYS A 408 38.39 15.58 0.46
CA LYS A 408 39.35 16.00 -0.55
C LYS A 408 40.34 14.88 -0.90
N THR A 409 40.77 14.14 0.11
CA THR A 409 41.72 13.06 -0.12
C THR A 409 41.10 12.01 -1.05
N ASP A 410 39.91 11.55 -0.70
CA ASP A 410 39.22 10.53 -1.49
C ASP A 410 38.79 11.05 -2.87
N GLN A 411 38.37 12.31 -2.92
CA GLN A 411 37.97 12.94 -4.17
C GLN A 411 39.14 12.98 -5.14
N GLY A 412 40.36 13.10 -4.61
CA GLY A 412 41.56 13.11 -5.42
C GLY A 412 41.95 11.75 -5.94
N LEU A 413 41.74 10.71 -5.11
CA LEU A 413 42.01 9.32 -5.51
C LEU A 413 41.05 8.86 -6.59
N LEU A 414 39.86 9.44 -6.58
CA LEU A 414 38.81 9.07 -7.51
C LEU A 414 38.93 9.85 -8.82
N SER A 415 39.17 11.15 -8.72
CA SER A 415 39.24 12.00 -9.89
CA SER A 415 39.27 12.03 -9.88
C SER A 415 40.36 11.59 -10.86
N ASN A 416 41.49 11.13 -10.32
CA ASN A 416 42.62 10.70 -11.16
C ASN A 416 42.49 9.22 -11.48
N LYS A 417 42.04 8.93 -12.70
CA LYS A 417 41.71 7.57 -13.10
C LYS A 417 42.90 6.62 -13.08
N GLU A 418 44.08 7.14 -13.35
CA GLU A 418 45.27 6.30 -13.38
C GLU A 418 45.77 5.99 -11.97
N VAL A 419 45.57 6.93 -11.06
CA VAL A 419 45.86 6.70 -9.65
C VAL A 419 44.86 5.68 -9.10
N TYR A 420 43.59 5.87 -9.42
CA TYR A 420 42.54 4.94 -9.00
C TYR A 420 42.84 3.56 -9.52
N ALA A 421 43.18 3.46 -10.81
CA ALA A 421 43.40 2.17 -11.45
C ALA A 421 44.53 1.38 -10.77
N LYS A 422 45.44 2.10 -10.11
CA LYS A 422 46.59 1.48 -9.48
C LYS A 422 46.29 1.00 -8.06
N LEU A 423 45.17 1.44 -7.50
CA LEU A 423 44.72 0.93 -6.21
C LEU A 423 44.36 -0.54 -6.35
N SER A 424 44.53 -1.31 -5.27
CA SER A 424 44.09 -2.70 -5.29
C SER A 424 42.57 -2.74 -5.38
N TRP A 425 42.01 -3.91 -5.68
CA TRP A 425 40.56 -4.08 -5.84
C TRP A 425 39.81 -3.73 -4.58
N ARG A 426 40.32 -4.17 -3.43
CA ARG A 426 39.72 -3.86 -2.14
C ARG A 426 39.78 -2.37 -1.84
N GLU A 427 40.90 -1.74 -2.21
CA GLU A 427 41.07 -0.30 -2.02
C GLU A 427 40.09 0.51 -2.88
N GLN A 428 39.87 0.07 -4.11
CA GLN A 428 38.87 0.69 -4.97
C GLN A 428 37.47 0.55 -4.37
N GLN A 429 37.12 -0.65 -3.91
CA GLN A 429 35.82 -0.89 -3.29
C GLN A 429 35.60 -0.01 -2.07
N ALA A 430 36.56 -0.02 -1.15
CA ALA A 430 36.48 0.76 0.07
C ALA A 430 36.37 2.24 -0.24
N LEU A 431 37.13 2.69 -1.23
CA LEU A 431 37.11 4.06 -1.67
C LEU A 431 35.71 4.48 -2.10
N GLN A 432 35.04 3.62 -2.86
CA GLN A 432 33.70 3.91 -3.33
C GLN A 432 32.74 4.06 -2.16
N VAL A 433 32.89 3.21 -1.14
CA VAL A 433 32.06 3.31 0.06
C VAL A 433 32.30 4.61 0.83
N ARG A 434 33.57 4.92 1.08
CA ARG A 434 33.92 6.14 1.81
C ARG A 434 33.51 7.39 1.04
N TYR A 435 33.86 7.43 -0.24
CA TYR A 435 33.53 8.57 -1.08
C TYR A 435 32.02 8.84 -1.12
N GLY A 436 31.23 7.80 -1.35
CA GLY A 436 29.79 7.95 -1.41
C GLY A 436 29.21 8.53 -0.13
N GLN A 437 29.75 8.12 1.01
CA GLN A 437 29.27 8.58 2.31
C GLN A 437 29.68 10.02 2.62
N LYS A 438 30.94 10.35 2.38
CA LYS A 438 31.43 11.71 2.63
C LYS A 438 30.76 12.75 1.75
N MET A 439 30.41 12.37 0.52
CA MET A 439 29.76 13.29 -0.40
C MET A 439 28.40 13.69 0.14
N ILE A 440 27.64 12.72 0.63
CA ILE A 440 26.35 13.01 1.20
C ILE A 440 26.48 13.87 2.45
N LEU A 441 27.43 13.52 3.31
CA LEU A 441 27.68 14.29 4.52
C LEU A 441 28.08 15.73 4.21
N HIS A 442 28.97 15.91 3.23
CA HIS A 442 29.40 17.24 2.82
C HIS A 442 28.31 18.05 2.15
N GLN A 443 27.43 17.38 1.43
CA GLN A 443 26.28 18.05 0.87
C GLN A 443 25.39 18.58 2.01
N LEU A 444 25.25 17.79 3.07
CA LEU A 444 24.45 18.19 4.21
C LEU A 444 25.09 19.35 4.95
N LEU A 445 26.42 19.35 4.99
CA LEU A 445 27.20 20.43 5.56
C LEU A 445 26.95 21.74 4.81
N GLU A 446 26.92 21.65 3.47
CA GLU A 446 26.66 22.81 2.64
C GLU A 446 25.24 23.34 2.82
N LEU A 447 24.28 22.42 3.00
CA LEU A 447 22.87 22.78 3.13
C LEU A 447 22.56 23.43 4.48
N THR A 448 23.36 23.12 5.50
CA THR A 448 23.21 23.74 6.81
C THR A 448 24.23 24.87 6.96
N SER A 449 24.72 25.34 5.81
CA SER A 449 25.73 26.39 5.70
C SER A 449 26.93 26.15 6.60
N GLU B 6 15.35 -14.44 9.60
CA GLU B 6 15.36 -13.16 8.88
C GLU B 6 16.53 -13.09 7.88
N THR B 7 16.22 -13.15 6.58
CA THR B 7 17.23 -13.42 5.56
C THR B 7 17.61 -12.37 4.52
N PHE B 8 17.29 -11.11 4.80
CA PHE B 8 17.81 -9.96 4.03
C PHE B 8 17.07 -9.64 2.73
N LYS B 9 17.56 -10.21 1.62
CA LYS B 9 17.00 -9.96 0.29
C LYS B 9 15.56 -10.49 0.17
N SER B 10 14.62 -9.57 0.07
CA SER B 10 13.20 -9.92 0.13
C SER B 10 12.54 -10.02 -1.25
N ILE B 11 12.71 -8.97 -2.06
CA ILE B 11 12.04 -8.81 -3.36
C ILE B 11 10.55 -9.24 -3.33
N LEU C 19 -13.25 14.46 22.43
CA LEU C 19 -13.08 14.71 23.85
C LEU C 19 -12.17 15.92 24.05
N ASP C 20 -10.86 15.68 24.01
CA ASP C 20 -9.90 16.76 23.75
C ASP C 20 -9.91 17.05 22.24
N PRO C 21 -9.87 15.99 21.41
CA PRO C 21 -9.99 16.16 19.96
C PRO C 21 -11.21 17.00 19.59
N VAL C 22 -12.35 16.72 20.21
CA VAL C 22 -13.57 17.46 19.90
C VAL C 22 -13.43 18.92 20.31
N ALA C 23 -12.83 19.16 21.47
CA ALA C 23 -12.63 20.52 21.95
C ALA C 23 -11.69 21.30 21.03
N CYS C 24 -10.60 20.66 20.63
CA CYS C 24 -9.63 21.27 19.72
CA CYS C 24 -9.63 21.24 19.71
C CYS C 24 -10.27 21.58 18.37
N PHE C 25 -11.16 20.71 17.90
CA PHE C 25 -11.84 20.95 16.63
C PHE C 25 -12.77 22.17 16.74
N LEU C 26 -13.45 22.28 17.87
CA LEU C 26 -14.37 23.39 18.10
C LEU C 26 -13.68 24.76 18.20
N SER C 27 -12.48 24.80 18.78
CA SER C 27 -11.69 26.03 18.81
C SER C 27 -11.31 26.39 17.40
N TRP C 28 -10.92 25.38 16.65
CA TRP C 28 -10.53 25.55 15.26
C TRP C 28 -11.70 26.11 14.44
N CYS C 29 -12.90 25.58 14.71
CA CYS C 29 -14.12 26.08 14.06
C CYS C 29 -14.27 27.58 14.26
N ARG C 30 -14.09 28.04 15.50
CA ARG C 30 -14.15 29.47 15.80
C ARG C 30 -13.04 30.22 15.07
N ARG C 31 -11.84 29.64 15.05
CA ARG C 31 -10.68 30.22 14.37
C ARG C 31 -10.95 30.49 12.88
N VAL C 32 -11.70 29.59 12.23
CA VAL C 32 -11.93 29.70 10.78
C VAL C 32 -13.34 30.12 10.42
N GLY C 33 -14.13 30.54 11.41
CA GLY C 33 -15.45 31.10 11.15
C GLY C 33 -16.54 30.07 10.92
N LEU C 34 -16.29 28.83 11.33
CA LEU C 34 -17.29 27.79 11.24
C LEU C 34 -18.15 27.89 12.48
N GLU C 35 -19.40 28.27 12.31
CA GLU C 35 -20.28 28.52 13.45
C GLU C 35 -21.36 27.43 13.63
N LEU C 36 -21.39 26.85 14.82
CA LEU C 36 -22.38 25.85 15.21
C LEU C 36 -23.49 26.47 16.05
N SER C 37 -24.71 25.97 15.88
CA SER C 37 -25.80 26.35 16.78
C SER C 37 -25.52 25.80 18.18
N PRO C 38 -25.81 26.60 19.22
CA PRO C 38 -25.60 26.08 20.57
C PRO C 38 -26.58 24.95 20.87
N LYS C 39 -27.50 24.67 19.95
CA LYS C 39 -28.49 23.62 20.15
C LYS C 39 -27.93 22.27 19.71
N VAL C 40 -26.82 22.22 19.01
CA VAL C 40 -26.25 20.95 18.57
C VAL C 40 -24.95 20.60 19.31
N ALA C 41 -24.69 19.31 19.45
CA ALA C 41 -23.50 18.81 20.13
C ALA C 41 -22.83 17.69 19.32
N VAL C 42 -21.51 17.74 19.22
CA VAL C 42 -20.74 16.66 18.63
C VAL C 42 -20.52 15.60 19.70
N SER C 43 -20.82 14.35 19.38
CA SER C 43 -20.81 13.30 20.39
C SER C 43 -20.46 11.91 19.86
N ARG C 44 -20.06 11.02 20.77
CA ARG C 44 -19.84 9.61 20.46
C ARG C 44 -20.78 8.76 21.29
N GLN C 45 -21.68 9.41 22.03
CA GLN C 45 -22.62 8.69 22.87
C GLN C 45 -24.02 8.73 22.27
N GLY C 46 -24.58 7.55 22.00
CA GLY C 46 -25.93 7.48 21.47
C GLY C 46 -26.05 7.62 19.96
N THR C 47 -24.92 7.75 19.27
CA THR C 47 -24.92 7.82 17.81
C THR C 47 -24.88 6.43 17.18
N VAL C 48 -25.28 6.33 15.91
CA VAL C 48 -25.33 5.04 15.24
C VAL C 48 -23.94 4.52 14.93
N ALA C 49 -22.97 5.41 14.87
CA ALA C 49 -21.62 5.04 14.50
C ALA C 49 -20.63 6.17 14.74
N GLY C 50 -19.57 5.88 15.49
CA GLY C 50 -18.50 6.82 15.74
C GLY C 50 -19.00 8.18 16.21
N TYR C 51 -18.48 9.24 15.62
CA TYR C 51 -18.96 10.59 15.86
C TYR C 51 -20.30 10.84 15.14
N GLY C 52 -21.11 11.70 15.74
CA GLY C 52 -22.35 12.14 15.13
C GLY C 52 -22.72 13.45 15.81
N MET C 53 -23.80 14.09 15.37
CA MET C 53 -24.33 15.24 16.09
C MET C 53 -25.66 14.87 16.71
N VAL C 54 -25.96 15.51 17.84
CA VAL C 54 -27.17 15.24 18.58
C VAL C 54 -27.76 16.61 18.96
N ALA C 55 -29.09 16.68 19.06
CA ALA C 55 -29.74 17.90 19.52
C ALA C 55 -29.59 18.03 21.04
N ARG C 56 -28.91 19.08 21.49
CA ARG C 56 -28.76 19.35 22.92
C ARG C 56 -30.05 19.90 23.49
N GLU C 57 -30.84 20.54 22.62
CA GLU C 57 -32.20 20.93 22.91
C GLU C 57 -33.02 20.79 21.63
N SER C 58 -34.33 20.70 21.75
CA SER C 58 -35.18 20.38 20.61
C SER C 58 -35.02 21.40 19.50
N VAL C 59 -34.83 20.91 18.28
CA VAL C 59 -34.67 21.76 17.10
C VAL C 59 -35.96 21.75 16.30
N GLN C 60 -36.36 22.92 15.80
CA GLN C 60 -37.56 23.04 14.97
C GLN C 60 -37.22 22.79 13.52
N ALA C 61 -38.18 22.26 12.77
CA ALA C 61 -38.02 22.08 11.35
C ALA C 61 -37.64 23.43 10.72
N GLY C 62 -36.55 23.45 9.96
CA GLY C 62 -36.11 24.67 9.30
C GLY C 62 -34.96 25.41 9.96
N GLU C 63 -34.67 25.09 11.23
CA GLU C 63 -33.60 25.78 11.96
C GLU C 63 -32.24 25.56 11.31
N LEU C 64 -31.42 26.61 11.34
CA LEU C 64 -30.03 26.52 10.91
C LEU C 64 -29.24 25.79 11.99
N LEU C 65 -28.45 24.81 11.58
CA LEU C 65 -27.69 24.02 12.53
C LEU C 65 -26.24 24.48 12.59
N PHE C 66 -25.65 24.75 11.42
CA PHE C 66 -24.34 25.35 11.37
C PHE C 66 -23.95 25.86 9.99
N VAL C 67 -22.96 26.75 9.98
CA VAL C 67 -22.48 27.37 8.75
C VAL C 67 -21.00 27.10 8.56
N VAL C 68 -20.64 26.71 7.33
CA VAL C 68 -19.25 26.42 7.00
C VAL C 68 -18.79 27.34 5.86
N PRO C 69 -17.90 28.28 6.18
CA PRO C 69 -17.39 29.15 5.11
C PRO C 69 -16.63 28.36 4.05
N ARG C 70 -16.76 28.76 2.79
CA ARG C 70 -16.12 28.05 1.69
C ARG C 70 -14.61 27.97 1.84
N ALA C 71 -14.05 28.90 2.61
CA ALA C 71 -12.60 28.94 2.80
C ALA C 71 -12.16 27.80 3.72
N ALA C 72 -13.09 27.30 4.52
CA ALA C 72 -12.80 26.25 5.49
C ALA C 72 -12.77 24.86 4.86
N LEU C 73 -13.35 24.73 3.66
CA LEU C 73 -13.37 23.46 2.96
C LEU C 73 -11.96 23.05 2.58
N LEU C 74 -11.69 21.75 2.58
CA LEU C 74 -10.40 21.26 2.10
C LEU C 74 -10.58 20.65 0.72
N SER C 75 -10.01 21.31 -0.28
CA SER C 75 -10.11 20.82 -1.65
C SER C 75 -8.80 21.04 -2.37
N GLN C 76 -8.72 20.54 -3.59
CA GLN C 76 -7.57 20.76 -4.44
C GLN C 76 -7.20 22.24 -4.51
N HIS C 77 -8.21 23.11 -4.35
CA HIS C 77 -8.04 24.55 -4.52
C HIS C 77 -7.64 25.28 -3.25
N THR C 78 -8.27 24.93 -2.13
CA THR C 78 -7.99 25.62 -0.88
C THR C 78 -6.70 25.17 -0.21
N CYS C 79 -6.17 24.03 -0.63
CA CYS C 79 -4.98 23.47 0.00
C CYS C 79 -3.72 24.28 -0.36
N SER C 80 -2.66 24.04 0.40
CA SER C 80 -1.44 24.84 0.32
C SER C 80 -0.56 24.54 -0.89
N ILE C 81 -1.06 23.71 -1.80
CA ILE C 81 -0.39 23.49 -3.08
C ILE C 81 -1.41 23.56 -4.21
N GLY C 82 -2.51 24.25 -3.93
CA GLY C 82 -3.57 24.39 -4.91
C GLY C 82 -3.08 24.87 -6.26
N GLY C 83 -2.17 25.84 -6.24
CA GLY C 83 -1.59 26.38 -7.46
C GLY C 83 -0.85 25.34 -8.28
N LEU C 84 0.10 24.65 -7.65
CA LEU C 84 0.80 23.56 -8.32
C LEU C 84 -0.17 22.53 -8.94
N LEU C 85 -1.24 22.21 -8.23
CA LEU C 85 -2.18 21.20 -8.71
C LEU C 85 -2.98 21.71 -9.92
N GLU C 86 -3.31 22.99 -9.91
CA GLU C 86 -4.03 23.59 -11.05
C GLU C 86 -3.19 23.47 -12.32
N ARG C 87 -2.00 24.04 -12.33
CA ARG C 87 -1.18 24.01 -13.55
C ARG C 87 -0.81 22.61 -14.02
N GLU C 88 -0.82 21.66 -13.10
CA GLU C 88 -0.52 20.28 -13.44
C GLU C 88 -1.80 19.49 -13.71
N ARG C 89 -2.91 20.22 -13.85
CA ARG C 89 -4.22 19.60 -13.98
C ARG C 89 -4.30 18.55 -15.10
N VAL C 90 -3.77 18.87 -16.27
CA VAL C 90 -3.77 17.91 -17.38
C VAL C 90 -3.13 16.57 -17.03
N ALA C 91 -1.98 16.63 -16.37
CA ALA C 91 -1.22 15.44 -16.03
C ALA C 91 -1.89 14.61 -14.93
N LEU C 92 -2.82 15.24 -14.21
CA LEU C 92 -3.47 14.62 -13.06
C LEU C 92 -4.82 13.99 -13.40
N GLN C 93 -5.14 13.91 -14.70
CA GLN C 93 -6.41 13.35 -15.15
C GLN C 93 -6.53 11.85 -14.89
N SER C 94 -7.74 11.43 -14.52
CA SER C 94 -8.02 10.01 -14.33
C SER C 94 -9.52 9.72 -14.45
N GLN C 95 -9.88 8.44 -14.32
CA GLN C 95 -11.27 8.04 -14.51
C GLN C 95 -12.18 8.64 -13.45
N SER C 96 -11.67 8.76 -12.24
CA SER C 96 -12.46 9.25 -11.10
C SER C 96 -12.47 10.76 -11.05
N GLY C 97 -11.33 11.37 -11.41
CA GLY C 97 -11.16 12.80 -11.26
C GLY C 97 -10.80 13.22 -9.84
N TRP C 98 -10.42 12.24 -9.01
CA TRP C 98 -10.14 12.47 -7.59
C TRP C 98 -8.65 12.70 -7.26
N VAL C 99 -7.78 12.60 -8.25
CA VAL C 99 -6.35 12.65 -8.01
C VAL C 99 -5.87 13.96 -7.38
N PRO C 100 -6.33 15.10 -7.91
CA PRO C 100 -6.03 16.38 -7.25
C PRO C 100 -6.46 16.43 -5.77
N LEU C 101 -7.69 16.02 -5.47
CA LEU C 101 -8.15 16.01 -4.08
C LEU C 101 -7.25 15.11 -3.25
N LEU C 102 -6.93 13.96 -3.79
CA LEU C 102 -6.14 12.99 -3.05
C LEU C 102 -4.73 13.51 -2.78
N LEU C 103 -4.14 14.17 -3.76
CA LEU C 103 -2.83 14.77 -3.60
C LEU C 103 -2.86 15.93 -2.61
N ALA C 104 -3.94 16.72 -2.66
CA ALA C 104 -4.20 17.75 -1.66
C ALA C 104 -4.23 17.17 -0.25
N LEU C 105 -4.96 16.07 -0.07
CA LEU C 105 -5.01 15.38 1.22
C LEU C 105 -3.65 14.84 1.65
N LEU C 106 -3.01 14.09 0.76
CA LEU C 106 -1.69 13.54 1.04
C LEU C 106 -0.71 14.63 1.48
N HIS C 107 -0.74 15.76 0.80
CA HIS C 107 0.11 16.87 1.19
C HIS C 107 -0.25 17.42 2.57
N GLU C 108 -1.54 17.69 2.79
CA GLU C 108 -1.96 18.32 4.04
C GLU C 108 -1.65 17.46 5.26
N LEU C 109 -1.69 16.15 5.06
CA LEU C 109 -1.47 15.20 6.16
C LEU C 109 -0.01 15.10 6.64
N GLN C 110 0.93 15.50 5.80
CA GLN C 110 2.35 15.48 6.18
C GLN C 110 2.93 16.89 6.34
N ALA C 111 2.07 17.90 6.30
CA ALA C 111 2.48 19.29 6.47
C ALA C 111 2.28 19.72 7.93
N PRO C 112 3.37 19.98 8.64
CA PRO C 112 3.33 20.27 10.08
C PRO C 112 2.46 21.50 10.41
N ALA C 113 2.42 22.45 9.48
CA ALA C 113 1.65 23.66 9.67
C ALA C 113 0.35 23.64 8.87
N SER C 114 -0.22 22.46 8.67
CA SER C 114 -1.47 22.33 7.92
C SER C 114 -2.60 23.10 8.59
N ARG C 115 -3.29 23.93 7.83
CA ARG C 115 -4.37 24.74 8.39
C ARG C 115 -5.57 23.88 8.82
N TRP C 116 -5.52 22.57 8.51
CA TRP C 116 -6.64 21.67 8.78
C TRP C 116 -6.35 20.59 9.80
N ARG C 117 -5.20 20.71 10.46
CA ARG C 117 -4.75 19.72 11.43
C ARG C 117 -5.85 19.27 12.39
N PRO C 118 -6.50 20.22 13.08
CA PRO C 118 -7.49 19.82 14.09
C PRO C 118 -8.69 19.15 13.46
N TYR C 119 -8.91 19.38 12.17
CA TYR C 119 -10.01 18.73 11.46
C TYR C 119 -9.69 17.24 11.24
N PHE C 120 -8.47 16.96 10.79
CA PHE C 120 -8.00 15.58 10.62
C PHE C 120 -8.13 14.77 11.90
N ALA C 121 -8.02 15.44 13.05
CA ALA C 121 -7.99 14.75 14.35
C ALA C 121 -9.26 13.95 14.63
N LEU C 122 -10.35 14.29 13.97
CA LEU C 122 -11.61 13.57 14.17
C LEU C 122 -11.83 12.51 13.11
N TRP C 123 -10.98 12.47 12.09
CA TRP C 123 -11.06 11.43 11.08
C TRP C 123 -10.98 10.05 11.71
N PRO C 124 -11.58 9.04 11.05
CA PRO C 124 -11.56 7.68 11.58
C PRO C 124 -10.17 7.07 11.44
N GLU C 125 -9.86 6.06 12.25
CA GLU C 125 -8.61 5.31 12.08
C GLU C 125 -8.61 4.65 10.71
N LEU C 126 -7.66 5.02 9.86
CA LEU C 126 -7.63 4.53 8.50
C LEU C 126 -7.47 3.02 8.38
N GLY C 127 -6.94 2.38 9.41
CA GLY C 127 -6.73 0.94 9.39
C GLY C 127 -7.95 0.13 9.80
N ARG C 128 -9.02 0.81 10.20
CA ARG C 128 -10.26 0.15 10.62
C ARG C 128 -11.43 0.41 9.68
N LEU C 129 -11.15 0.84 8.46
CA LEU C 129 -12.23 1.16 7.53
C LEU C 129 -13.00 -0.11 7.19
N GLU C 130 -14.31 0.01 6.98
CA GLU C 130 -15.17 -1.16 6.82
C GLU C 130 -15.64 -1.40 5.38
N HIS C 131 -15.08 -0.65 4.44
CA HIS C 131 -15.42 -0.85 3.04
C HIS C 131 -15.13 -2.29 2.61
N PRO C 132 -16.03 -2.88 1.82
CA PRO C 132 -15.81 -4.24 1.31
C PRO C 132 -14.53 -4.37 0.48
N MET C 133 -13.95 -3.26 0.03
CA MET C 133 -12.69 -3.33 -0.72
C MET C 133 -11.55 -3.81 0.16
N PHE C 134 -11.75 -3.77 1.48
CA PHE C 134 -10.76 -4.26 2.42
C PHE C 134 -11.04 -5.68 2.94
N TRP C 135 -12.15 -6.29 2.53
CA TRP C 135 -12.45 -7.68 2.89
C TRP C 135 -11.57 -8.58 2.03
N PRO C 136 -11.29 -9.80 2.50
CA PRO C 136 -10.62 -10.76 1.62
C PRO C 136 -11.48 -11.03 0.40
N GLU C 137 -10.84 -11.12 -0.76
CA GLU C 137 -11.56 -11.28 -2.02
C GLU C 137 -12.55 -12.44 -2.02
N GLU C 138 -12.22 -13.51 -1.30
CA GLU C 138 -13.11 -14.68 -1.26
C GLU C 138 -14.39 -14.35 -0.51
N GLU C 139 -14.23 -13.71 0.64
CA GLU C 139 -15.39 -13.30 1.43
C GLU C 139 -16.27 -12.33 0.67
N ARG C 140 -15.65 -11.33 0.07
CA ARG C 140 -16.39 -10.32 -0.67
C ARG C 140 -17.17 -10.95 -1.82
N ARG C 141 -16.53 -11.88 -2.51
CA ARG C 141 -17.14 -12.50 -3.68
C ARG C 141 -18.24 -13.47 -3.30
N CYS C 142 -18.03 -14.20 -2.20
CA CYS C 142 -19.02 -15.14 -1.71
CA CYS C 142 -19.03 -15.13 -1.73
C CYS C 142 -20.23 -14.42 -1.12
N LEU C 143 -19.98 -13.52 -0.18
CA LEU C 143 -21.06 -12.85 0.54
C LEU C 143 -21.89 -11.90 -0.33
N LEU C 144 -21.27 -11.24 -1.30
CA LEU C 144 -21.95 -10.17 -2.04
C LEU C 144 -22.27 -10.54 -3.50
N GLN C 145 -22.16 -11.81 -3.84
CA GLN C 145 -22.47 -12.26 -5.18
C GLN C 145 -23.86 -11.80 -5.62
N GLY C 146 -23.95 -11.25 -6.83
CA GLY C 146 -25.23 -10.83 -7.36
C GLY C 146 -25.69 -9.43 -6.96
N THR C 147 -25.05 -8.86 -5.95
CA THR C 147 -25.45 -7.55 -5.42
C THR C 147 -24.90 -6.40 -6.23
N GLY C 148 -23.84 -6.69 -7.00
CA GLY C 148 -23.19 -5.66 -7.79
C GLY C 148 -21.93 -5.13 -7.14
N VAL C 149 -21.79 -5.35 -5.83
CA VAL C 149 -20.64 -4.84 -5.09
C VAL C 149 -19.29 -5.43 -5.53
N PRO C 150 -19.21 -6.78 -5.66
CA PRO C 150 -17.93 -7.40 -6.00
C PRO C 150 -17.36 -6.83 -7.29
N GLU C 151 -18.22 -6.63 -8.26
CA GLU C 151 -17.85 -6.07 -9.56
C GLU C 151 -17.37 -4.63 -9.43
N ALA C 152 -18.08 -3.83 -8.63
CA ALA C 152 -17.70 -2.43 -8.40
C ALA C 152 -16.34 -2.33 -7.70
N VAL C 153 -16.13 -3.20 -6.70
CA VAL C 153 -14.90 -3.15 -5.93
C VAL C 153 -13.70 -3.55 -6.79
N GLU C 154 -13.91 -4.53 -7.66
CA GLU C 154 -12.84 -5.02 -8.54
C GLU C 154 -12.40 -3.94 -9.54
N LYS C 155 -13.36 -3.18 -10.03
CA LYS C 155 -13.06 -2.02 -10.88
C LYS C 155 -12.37 -0.89 -10.10
N ASP C 156 -12.76 -0.69 -8.84
CA ASP C 156 -12.11 0.34 -8.03
C ASP C 156 -10.67 -0.01 -7.80
N LEU C 157 -10.45 -1.27 -7.41
CA LEU C 157 -9.12 -1.73 -7.06
C LEU C 157 -8.13 -1.60 -8.22
N ALA C 158 -8.60 -1.80 -9.44
CA ALA C 158 -7.76 -1.69 -10.62
C ALA C 158 -7.40 -0.24 -10.94
N ASN C 159 -8.36 0.65 -10.78
CA ASN C 159 -8.13 2.07 -10.99
C ASN C 159 -7.23 2.68 -9.93
N ILE C 160 -7.38 2.22 -8.70
CA ILE C 160 -6.58 2.74 -7.61
C ILE C 160 -5.11 2.42 -7.84
N ARG C 161 -4.80 1.16 -8.11
CA ARG C 161 -3.43 0.72 -8.36
C ARG C 161 -2.86 1.37 -9.61
N SER C 162 -3.67 1.64 -10.61
CA SER C 162 -3.21 2.25 -11.84
C SER C 162 -2.85 3.72 -11.66
N GLU C 163 -3.71 4.47 -10.95
CA GLU C 163 -3.44 5.86 -10.63
C GLU C 163 -2.18 6.01 -9.79
N TYR C 164 -2.03 5.15 -8.79
CA TYR C 164 -0.90 5.28 -7.88
C TYR C 164 0.43 4.98 -8.59
N GLN C 165 0.47 3.89 -9.33
CA GLN C 165 1.67 3.47 -10.05
C GLN C 165 2.05 4.48 -11.14
N SER C 166 1.06 5.03 -11.84
CA SER C 166 1.36 5.82 -13.03
C SER C 166 1.14 7.32 -12.90
N ILE C 167 0.46 7.76 -11.84
CA ILE C 167 0.26 9.20 -11.67
C ILE C 167 0.65 9.71 -10.28
N VAL C 168 0.18 9.03 -9.25
CA VAL C 168 0.28 9.57 -7.90
C VAL C 168 1.69 9.44 -7.34
N LEU C 169 2.24 8.23 -7.36
CA LEU C 169 3.59 8.01 -6.84
C LEU C 169 4.63 8.84 -7.59
N PRO C 170 4.61 8.79 -8.93
CA PRO C 170 5.57 9.61 -9.68
C PRO C 170 5.42 11.10 -9.35
N PHE C 171 4.20 11.57 -9.17
CA PHE C 171 4.03 12.99 -8.82
C PHE C 171 4.68 13.29 -7.47
N MET C 172 4.53 12.39 -6.51
CA MET C 172 5.12 12.58 -5.19
C MET C 172 6.64 12.50 -5.22
N GLU C 173 7.17 11.60 -6.03
CA GLU C 173 8.63 11.47 -6.15
C GLU C 173 9.25 12.61 -6.95
N ALA C 174 8.42 13.29 -7.74
CA ALA C 174 8.85 14.48 -8.49
C ALA C 174 8.84 15.75 -7.64
N HIS C 175 8.11 15.73 -6.52
CA HIS C 175 8.02 16.90 -5.65
C HIS C 175 8.21 16.52 -4.19
N PRO C 176 9.37 15.92 -3.87
CA PRO C 176 9.61 15.37 -2.53
C PRO C 176 9.55 16.41 -1.41
N ASP C 177 9.69 17.69 -1.74
CA ASP C 177 9.54 18.73 -0.72
C ASP C 177 8.13 18.70 -0.13
N LEU C 178 7.17 18.32 -0.95
CA LEU C 178 5.76 18.50 -0.61
C LEU C 178 5.09 17.20 -0.17
N PHE C 179 5.85 16.11 -0.23
CA PHE C 179 5.33 14.80 0.12
C PHE C 179 6.39 13.96 0.84
N SER C 180 6.40 14.01 2.17
CA SER C 180 7.36 13.23 2.95
C SER C 180 7.29 11.74 2.61
N LEU C 181 8.29 10.96 3.02
CA LEU C 181 8.31 9.52 2.72
C LEU C 181 7.12 8.78 3.37
N ARG C 182 6.74 9.20 4.57
CA ARG C 182 5.64 8.58 5.31
C ARG C 182 4.32 8.49 4.49
N VAL C 183 4.09 9.42 3.58
CA VAL C 183 2.82 9.43 2.84
C VAL C 183 2.87 8.72 1.49
N ARG C 184 4.06 8.24 1.11
CA ARG C 184 4.23 7.53 -0.16
C ARG C 184 4.01 6.05 0.06
N SER C 185 2.74 5.67 0.10
CA SER C 185 2.32 4.35 0.52
C SER C 185 1.10 3.94 -0.27
N LEU C 186 1.18 2.81 -0.97
CA LEU C 186 0.04 2.32 -1.73
C LEU C 186 -1.14 2.03 -0.80
N GLU C 187 -0.87 1.33 0.31
CA GLU C 187 -1.87 1.05 1.32
C GLU C 187 -2.58 2.32 1.81
N LEU C 188 -1.82 3.33 2.20
CA LEU C 188 -2.40 4.60 2.61
C LEU C 188 -3.23 5.22 1.49
N TYR C 189 -2.81 4.98 0.26
CA TYR C 189 -3.54 5.52 -0.89
C TYR C 189 -4.92 4.88 -1.02
N HIS C 190 -5.00 3.57 -0.79
CA HIS C 190 -6.28 2.87 -0.78
C HIS C 190 -7.18 3.40 0.33
N GLN C 191 -6.60 3.64 1.49
CA GLN C 191 -7.33 4.15 2.64
C GLN C 191 -7.89 5.55 2.39
N LEU C 192 -7.11 6.40 1.74
CA LEU C 192 -7.58 7.75 1.44
C LEU C 192 -8.64 7.78 0.35
N VAL C 193 -8.56 6.88 -0.62
CA VAL C 193 -9.60 6.76 -1.63
C VAL C 193 -10.90 6.34 -0.94
N ALA C 194 -10.79 5.41 -0.01
CA ALA C 194 -11.96 4.97 0.77
C ALA C 194 -12.53 6.13 1.57
N LEU C 195 -11.65 6.93 2.17
CA LEU C 195 -12.05 8.11 2.92
C LEU C 195 -12.79 9.15 2.06
N VAL C 196 -12.28 9.40 0.86
CA VAL C 196 -12.95 10.31 -0.07
C VAL C 196 -14.31 9.75 -0.46
N MET C 197 -14.39 8.43 -0.63
CA MET C 197 -15.66 7.79 -0.94
C MET C 197 -16.68 8.04 0.15
N ALA C 198 -16.25 7.91 1.41
CA ALA C 198 -17.17 7.91 2.54
C ALA C 198 -17.40 9.29 3.16
N TYR C 199 -16.55 10.25 2.86
CA TYR C 199 -16.59 11.54 3.56
C TYR C 199 -16.78 12.77 2.66
N SER C 200 -16.35 12.69 1.41
CA SER C 200 -16.29 13.87 0.57
C SER C 200 -17.68 14.28 0.12
N PHE C 201 -17.81 15.55 -0.25
CA PHE C 201 -19.07 16.10 -0.77
C PHE C 201 -18.87 16.55 -2.21
N GLN C 202 -19.83 16.23 -3.06
CA GLN C 202 -19.80 16.71 -4.43
C GLN C 202 -20.94 17.71 -4.68
N GLU C 203 -20.57 18.96 -4.87
CA GLU C 203 -21.56 20.03 -5.04
C GLU C 203 -22.26 19.93 -6.39
N PRO C 204 -23.61 20.00 -6.38
CA PRO C 204 -24.38 19.95 -7.62
C PRO C 204 -24.10 21.12 -8.57
N LEU C 205 -24.24 20.87 -9.86
CA LEU C 205 -24.19 21.96 -10.85
C LEU C 205 -25.56 22.66 -10.94
N GLU C 206 -25.57 23.87 -11.51
CA GLU C 206 -26.83 24.57 -11.81
C GLU C 206 -27.39 24.19 -13.19
N GLU C 207 -26.60 24.47 -14.23
CA GLU C 207 -26.94 24.08 -15.62
C GLU C 207 -25.74 24.26 -16.56
N PRO C 214 -18.68 18.82 -14.18
CA PRO C 214 -19.00 18.18 -12.90
C PRO C 214 -17.98 18.53 -11.84
N ASN C 215 -18.46 18.88 -10.65
CA ASN C 215 -17.59 19.31 -9.57
C ASN C 215 -16.78 18.17 -8.96
N SER C 216 -15.50 18.43 -8.71
CA SER C 216 -14.68 17.49 -7.95
C SER C 216 -15.16 17.48 -6.50
N PRO C 217 -14.90 16.37 -5.79
CA PRO C 217 -15.31 16.26 -4.39
C PRO C 217 -14.51 17.20 -3.50
N VAL C 218 -15.11 17.59 -2.38
CA VAL C 218 -14.50 18.49 -1.42
C VAL C 218 -14.73 17.89 -0.05
N MET C 219 -13.80 18.10 0.88
CA MET C 219 -14.03 17.71 2.26
C MET C 219 -14.68 18.89 2.97
N VAL C 220 -15.74 18.62 3.71
CA VAL C 220 -16.50 19.68 4.39
C VAL C 220 -16.51 19.45 5.88
N PRO C 221 -15.66 20.16 6.62
CA PRO C 221 -15.57 20.04 8.08
C PRO C 221 -16.90 20.29 8.80
N ALA C 222 -17.13 19.58 9.90
CA ALA C 222 -18.39 19.62 10.64
C ALA C 222 -19.54 18.92 9.91
N ALA C 223 -19.70 19.21 8.62
CA ALA C 223 -20.72 18.54 7.84
C ALA C 223 -20.44 17.06 7.74
N ASP C 224 -19.17 16.67 7.60
CA ASP C 224 -18.85 15.26 7.48
C ASP C 224 -18.84 14.51 8.82
N ILE C 225 -19.32 15.17 9.87
CA ILE C 225 -19.55 14.51 11.15
C ILE C 225 -20.90 13.80 11.21
N LEU C 226 -21.87 14.28 10.45
CA LEU C 226 -23.23 13.75 10.53
C LEU C 226 -23.38 12.39 9.86
N ASN C 227 -24.10 11.50 10.53
CA ASN C 227 -24.42 10.18 9.98
C ASN C 227 -25.61 10.26 9.02
N HIS C 228 -25.93 9.14 8.37
CA HIS C 228 -26.93 9.16 7.31
C HIS C 228 -28.10 8.22 7.57
N LEU C 229 -29.28 8.64 7.11
CA LEU C 229 -30.47 7.79 7.06
C LEU C 229 -31.32 8.17 5.83
N ALA C 230 -32.03 7.20 5.26
CA ALA C 230 -33.01 7.51 4.22
C ALA C 230 -34.06 8.47 4.77
N ASN C 231 -34.47 8.23 6.01
CA ASN C 231 -35.36 9.12 6.74
C ASN C 231 -34.56 10.11 7.58
N HIS C 232 -33.97 11.10 6.93
CA HIS C 232 -33.08 12.06 7.59
C HIS C 232 -33.84 13.25 8.14
N ASN C 233 -33.16 14.07 8.93
CA ASN C 233 -33.76 15.27 9.49
C ASN C 233 -32.94 16.54 9.26
N ALA C 234 -31.86 16.42 8.49
CA ALA C 234 -31.02 17.55 8.14
C ALA C 234 -30.54 17.45 6.70
N ASN C 235 -30.21 18.58 6.11
CA ASN C 235 -29.54 18.57 4.81
C ASN C 235 -28.75 19.84 4.50
N LEU C 236 -27.72 19.68 3.69
CA LEU C 236 -26.77 20.74 3.40
C LEU C 236 -27.25 21.63 2.25
N GLU C 237 -27.15 22.94 2.45
CA GLU C 237 -27.47 23.90 1.40
C GLU C 237 -26.22 24.67 1.01
N TYR C 238 -26.05 24.85 -0.29
CA TYR C 238 -24.92 25.58 -0.83
C TYR C 238 -25.29 27.03 -1.15
N SER C 239 -24.47 27.97 -0.69
CA SER C 239 -24.61 29.37 -1.06
C SER C 239 -23.32 29.88 -1.70
N ALA C 240 -23.29 31.16 -2.04
CA ALA C 240 -22.14 31.74 -2.71
C ALA C 240 -20.88 31.68 -1.85
N ASN C 241 -21.02 31.99 -0.57
CA ASN C 241 -19.86 32.15 0.30
C ASN C 241 -19.75 31.12 1.43
N CYS C 242 -20.77 30.27 1.56
CA CYS C 242 -20.83 29.30 2.65
C CYS C 242 -21.77 28.12 2.38
N LEU C 243 -21.64 27.10 3.22
CA LEU C 243 -22.52 25.96 3.19
C LEU C 243 -23.27 25.93 4.51
N ARG C 244 -24.56 25.64 4.45
CA ARG C 244 -25.38 25.62 5.65
C ARG C 244 -25.99 24.26 5.84
N MET C 245 -25.86 23.72 7.05
CA MET C 245 -26.63 22.53 7.41
C MET C 245 -27.91 22.99 8.10
N VAL C 246 -29.05 22.50 7.61
CA VAL C 246 -30.34 22.96 8.07
C VAL C 246 -31.23 21.78 8.43
N ALA C 247 -31.98 21.91 9.53
CA ALA C 247 -32.92 20.88 9.92
C ALA C 247 -34.14 20.85 8.98
N THR C 248 -34.50 19.64 8.51
CA THR C 248 -35.63 19.46 7.62
C THR C 248 -36.86 18.86 8.34
N GLN C 249 -36.68 18.41 9.57
CA GLN C 249 -37.77 17.91 10.40
C GLN C 249 -37.52 18.36 11.84
N PRO C 250 -38.56 18.32 12.68
CA PRO C 250 -38.33 18.61 14.11
C PRO C 250 -37.37 17.59 14.68
N ILE C 251 -36.50 18.00 15.59
CA ILE C 251 -35.55 17.09 16.20
C ILE C 251 -35.63 17.22 17.71
N PRO C 252 -36.26 16.25 18.37
CA PRO C 252 -36.40 16.38 19.82
C PRO C 252 -35.04 16.36 20.51
N LYS C 253 -34.98 16.97 21.69
CA LYS C 253 -33.78 16.93 22.51
C LYS C 253 -33.27 15.49 22.65
N GLY C 254 -31.97 15.30 22.45
CA GLY C 254 -31.32 14.01 22.64
C GLY C 254 -31.35 13.07 21.43
N HIS C 255 -31.98 13.50 20.35
CA HIS C 255 -32.02 12.69 19.14
C HIS C 255 -30.87 13.02 18.19
N GLU C 256 -30.39 12.01 17.47
CA GLU C 256 -29.30 12.24 16.53
C GLU C 256 -29.78 13.03 15.31
N ILE C 257 -28.88 13.86 14.79
CA ILE C 257 -29.16 14.65 13.60
C ILE C 257 -28.56 13.93 12.41
N PHE C 258 -29.41 13.57 11.46
CA PHE C 258 -28.99 12.74 10.32
C PHE C 258 -29.03 13.50 9.00
N ASN C 259 -27.87 13.59 8.36
CA ASN C 259 -27.78 14.14 7.02
C ASN C 259 -28.27 13.11 6.01
N THR C 260 -28.35 13.50 4.74
CA THR C 260 -28.55 12.54 3.67
C THR C 260 -27.33 12.59 2.76
N TYR C 261 -26.76 11.43 2.48
CA TYR C 261 -25.63 11.32 1.56
C TYR C 261 -26.14 11.23 0.11
N GLY C 262 -27.45 11.21 -0.04
CA GLY C 262 -28.08 11.02 -1.35
C GLY C 262 -29.15 9.96 -1.20
N GLN C 263 -29.82 9.65 -2.30
CA GLN C 263 -30.76 8.53 -2.29
C GLN C 263 -29.94 7.28 -2.59
N MET C 264 -29.60 6.54 -1.55
CA MET C 264 -28.61 5.45 -1.64
C MET C 264 -29.19 4.09 -1.33
N ALA C 265 -29.12 3.18 -2.30
CA ALA C 265 -29.47 1.79 -2.05
C ALA C 265 -28.41 1.18 -1.13
N ASN C 266 -28.76 0.10 -0.45
CA ASN C 266 -27.82 -0.56 0.46
C ASN C 266 -26.52 -1.00 -0.22
N TRP C 267 -26.58 -1.38 -1.49
CA TRP C 267 -25.36 -1.85 -2.15
C TRP C 267 -24.38 -0.70 -2.37
N GLN C 268 -24.92 0.51 -2.52
CA GLN C 268 -24.11 1.70 -2.66
C GLN C 268 -23.59 2.16 -1.29
N LEU C 269 -24.42 2.02 -0.26
CA LEU C 269 -23.99 2.33 1.10
C LEU C 269 -22.80 1.47 1.53
N ILE C 270 -22.89 0.16 1.31
CA ILE C 270 -21.80 -0.70 1.75
C ILE C 270 -20.53 -0.48 0.91
N HIS C 271 -20.71 -0.37 -0.40
CA HIS C 271 -19.60 -0.10 -1.32
C HIS C 271 -18.84 1.18 -0.98
N MET C 272 -19.55 2.30 -0.98
CA MET C 272 -18.96 3.62 -0.76
C MET C 272 -18.71 3.97 0.71
N TYR C 273 -19.57 3.48 1.60
CA TYR C 273 -19.55 3.95 2.98
C TYR C 273 -19.28 2.88 4.03
N GLY C 274 -19.30 1.61 3.64
CA GLY C 274 -19.04 0.52 4.56
C GLY C 274 -20.12 0.28 5.59
N PHE C 275 -21.36 0.66 5.28
CA PHE C 275 -22.48 0.34 6.15
C PHE C 275 -23.76 0.07 5.37
N VAL C 276 -24.73 -0.50 6.06
CA VAL C 276 -26.04 -0.75 5.48
C VAL C 276 -27.10 -0.33 6.48
N GLU C 277 -28.28 0.01 5.97
CA GLU C 277 -29.46 0.21 6.81
C GLU C 277 -30.24 -1.09 6.90
N PRO C 278 -30.55 -1.53 8.13
CA PRO C 278 -31.34 -2.75 8.30
C PRO C 278 -32.77 -2.64 7.76
N TYR C 279 -33.24 -3.73 7.17
CA TYR C 279 -34.61 -3.80 6.67
C TYR C 279 -35.56 -3.50 7.83
N PRO C 280 -36.61 -2.70 7.59
CA PRO C 280 -37.05 -2.07 6.33
C PRO C 280 -36.67 -0.59 6.22
N ASP C 281 -35.70 -0.14 7.02
CA ASP C 281 -35.32 1.27 7.11
C ASP C 281 -35.00 1.98 5.79
N ASN C 282 -34.36 1.27 4.85
CA ASN C 282 -33.91 1.92 3.63
C ASN C 282 -35.01 2.03 2.57
N THR C 283 -35.80 3.10 2.66
CA THR C 283 -36.90 3.32 1.73
C THR C 283 -36.40 3.68 0.33
N ASP C 284 -35.11 3.93 0.21
CA ASP C 284 -34.49 4.23 -1.08
C ASP C 284 -33.75 3.03 -1.67
N ASP C 285 -33.98 1.84 -1.14
CA ASP C 285 -33.22 0.69 -1.61
C ASP C 285 -33.60 0.35 -3.03
N THR C 286 -32.72 -0.36 -3.73
CA THR C 286 -32.97 -0.74 -5.12
C THR C 286 -32.34 -2.08 -5.48
N ALA C 287 -32.85 -2.69 -6.54
CA ALA C 287 -32.22 -3.84 -7.17
C ALA C 287 -32.01 -3.51 -8.64
N ASP C 288 -30.97 -4.10 -9.23
CA ASP C 288 -30.67 -3.92 -10.66
C ASP C 288 -31.05 -5.15 -11.46
N ILE C 289 -31.52 -4.91 -12.68
CA ILE C 289 -31.61 -5.97 -13.68
C ILE C 289 -30.69 -5.56 -14.83
N GLN C 290 -29.60 -6.31 -15.01
CA GLN C 290 -28.67 -5.98 -16.08
C GLN C 290 -29.43 -5.91 -17.40
N MET C 291 -29.09 -4.93 -18.23
CA MET C 291 -29.82 -4.76 -19.48
C MET C 291 -29.74 -6.00 -20.34
N VAL C 292 -28.60 -6.67 -20.31
CA VAL C 292 -28.34 -7.82 -21.14
C VAL C 292 -29.08 -9.05 -20.64
N THR C 293 -29.44 -9.06 -19.35
CA THR C 293 -30.27 -10.13 -18.81
C THR C 293 -31.64 -10.11 -19.48
N VAL C 294 -32.13 -8.90 -19.73
CA VAL C 294 -33.39 -8.72 -20.45
C VAL C 294 -33.26 -9.23 -21.88
N ARG C 295 -32.09 -9.04 -22.49
CA ARG C 295 -31.83 -9.59 -23.82
C ARG C 295 -31.74 -11.11 -23.77
N GLU C 296 -31.16 -11.62 -22.70
CA GLU C 296 -31.09 -13.05 -22.51
C GLU C 296 -32.50 -13.64 -22.50
N ALA C 297 -33.41 -12.95 -21.83
CA ALA C 297 -34.78 -13.43 -21.66
C ALA C 297 -35.61 -13.36 -22.95
N ALA C 298 -35.27 -12.43 -23.83
CA ALA C 298 -35.88 -12.39 -25.15
C ALA C 298 -35.31 -13.52 -26.00
N LEU C 299 -34.00 -13.73 -25.89
CA LEU C 299 -33.29 -14.76 -26.64
C LEU C 299 -33.75 -16.17 -26.30
N GLN C 300 -34.13 -16.40 -25.04
CA GLN C 300 -34.45 -17.75 -24.62
C GLN C 300 -35.84 -18.19 -25.10
N GLY C 301 -36.68 -17.22 -25.47
CA GLY C 301 -37.98 -17.49 -26.06
C GLY C 301 -37.96 -17.82 -27.55
N THR C 302 -36.76 -17.96 -28.12
CA THR C 302 -36.60 -18.28 -29.54
C THR C 302 -36.07 -19.69 -29.69
N LYS C 303 -36.22 -20.26 -30.90
CA LYS C 303 -35.75 -21.63 -31.17
C LYS C 303 -34.95 -21.79 -32.48
N THR C 304 -34.89 -20.74 -33.30
CA THR C 304 -34.07 -20.78 -34.52
C THR C 304 -33.00 -19.72 -34.49
N GLU C 305 -31.89 -19.98 -35.18
CA GLU C 305 -30.82 -19.00 -35.29
C GLU C 305 -31.34 -17.68 -35.91
N ALA C 306 -32.44 -17.78 -36.65
CA ALA C 306 -32.99 -16.63 -37.38
C ALA C 306 -33.85 -15.77 -36.47
N GLU C 307 -34.62 -16.42 -35.61
CA GLU C 307 -35.44 -15.70 -34.62
C GLU C 307 -34.53 -14.93 -33.70
N ARG C 308 -33.34 -15.49 -33.47
CA ARG C 308 -32.36 -14.88 -32.59
C ARG C 308 -31.79 -13.62 -33.19
N HIS C 309 -31.48 -13.66 -34.49
CA HIS C 309 -30.95 -12.49 -35.19
C HIS C 309 -31.83 -11.26 -35.01
N LEU C 310 -33.14 -11.46 -35.13
CA LEU C 310 -34.10 -10.36 -35.06
C LEU C 310 -34.14 -9.72 -33.67
N VAL C 311 -33.92 -10.52 -32.62
CA VAL C 311 -33.81 -9.97 -31.28
C VAL C 311 -32.53 -9.16 -31.18
N TYR C 312 -31.47 -9.65 -31.81
CA TYR C 312 -30.23 -8.91 -31.88
C TYR C 312 -30.40 -7.63 -32.69
N GLU C 313 -31.33 -7.63 -33.63
CA GLU C 313 -31.60 -6.45 -34.42
C GLU C 313 -32.39 -5.44 -33.59
N ARG C 314 -33.32 -5.93 -32.78
CA ARG C 314 -34.06 -5.07 -31.86
C ARG C 314 -33.14 -4.45 -30.82
N TRP C 315 -32.25 -5.28 -30.25
CA TRP C 315 -31.28 -4.78 -29.27
C TRP C 315 -30.42 -3.65 -29.83
N ASP C 316 -29.90 -3.84 -31.04
CA ASP C 316 -29.04 -2.83 -31.67
C ASP C 316 -29.76 -1.49 -31.85
N PHE C 317 -31.02 -1.55 -32.28
CA PHE C 317 -31.80 -0.33 -32.40
C PHE C 317 -31.95 0.35 -31.05
N LEU C 318 -32.09 -0.43 -29.99
CA LEU C 318 -32.17 0.11 -28.64
C LEU C 318 -30.85 0.75 -28.22
N CYS C 319 -29.73 0.19 -28.69
CA CYS C 319 -28.43 0.77 -28.42
C CYS C 319 -28.26 2.12 -29.12
N LYS C 320 -28.61 2.17 -30.40
CA LYS C 320 -28.62 3.44 -31.14
C LYS C 320 -29.44 4.48 -30.37
N LEU C 321 -30.64 4.10 -29.97
CA LEU C 321 -31.53 4.98 -29.20
C LEU C 321 -30.94 5.35 -27.84
N GLU C 322 -29.86 4.68 -27.46
CA GLU C 322 -29.23 4.89 -26.16
C GLU C 322 -30.16 4.56 -24.98
N MET C 323 -31.02 3.56 -25.17
CA MET C 323 -31.89 3.08 -24.10
C MET C 323 -31.20 1.96 -23.34
N VAL C 324 -30.41 1.18 -24.06
CA VAL C 324 -29.64 0.11 -23.46
C VAL C 324 -28.15 0.28 -23.73
N GLY C 325 -27.35 -0.51 -23.04
CA GLY C 325 -25.91 -0.56 -23.22
C GLY C 325 -25.46 -1.90 -22.69
N GLU C 326 -24.37 -2.42 -23.22
CA GLU C 326 -23.91 -3.74 -22.81
C GLU C 326 -23.57 -3.81 -21.31
N GLU C 327 -23.20 -2.68 -20.70
CA GLU C 327 -22.79 -2.66 -19.30
C GLU C 327 -23.77 -1.92 -18.38
N GLY C 328 -24.92 -1.52 -18.93
CA GLY C 328 -25.91 -0.83 -18.13
C GLY C 328 -26.84 -1.76 -17.37
N ALA C 329 -27.63 -1.19 -16.47
CA ALA C 329 -28.59 -1.96 -15.70
C ALA C 329 -29.87 -1.15 -15.55
N PHE C 330 -31.00 -1.84 -15.48
CA PHE C 330 -32.23 -1.19 -15.10
C PHE C 330 -32.27 -1.13 -13.56
N VAL C 331 -32.76 -0.03 -13.01
CA VAL C 331 -32.78 0.15 -11.57
C VAL C 331 -34.22 0.15 -11.04
N ILE C 332 -34.49 -0.81 -10.17
CA ILE C 332 -35.83 -1.04 -9.65
C ILE C 332 -35.89 -0.58 -8.18
N GLY C 333 -36.82 0.33 -7.89
CA GLY C 333 -37.02 0.78 -6.53
C GLY C 333 -38.10 -0.02 -5.84
N ARG C 334 -38.37 0.30 -4.59
CA ARG C 334 -39.37 -0.41 -3.82
C ARG C 334 -40.80 -0.06 -4.24
N GLU C 335 -40.99 1.10 -4.84
CA GLU C 335 -42.32 1.51 -5.30
C GLU C 335 -42.38 1.99 -6.75
N GLU C 336 -41.22 2.07 -7.40
CA GLU C 336 -41.16 2.54 -8.78
C GLU C 336 -39.87 2.13 -9.49
N VAL C 337 -39.93 1.99 -10.81
CA VAL C 337 -38.73 1.78 -11.59
C VAL C 337 -38.00 3.11 -11.78
N LEU C 338 -36.76 3.17 -11.31
CA LEU C 338 -35.96 4.38 -11.42
C LEU C 338 -35.56 4.71 -12.86
N THR C 339 -35.14 3.68 -13.61
CA THR C 339 -34.83 3.83 -15.04
C THR C 339 -36.05 3.51 -15.89
N GLU C 340 -37.09 4.34 -15.74
CA GLU C 340 -38.42 4.05 -16.26
C GLU C 340 -38.49 4.08 -17.79
N GLU C 341 -37.93 5.13 -18.40
CA GLU C 341 -37.97 5.26 -19.85
C GLU C 341 -37.22 4.14 -20.54
N GLU C 342 -35.98 3.91 -20.12
CA GLU C 342 -35.16 2.88 -20.74
C GLU C 342 -35.83 1.50 -20.68
N LEU C 343 -36.52 1.23 -19.57
CA LEU C 343 -37.17 -0.05 -19.38
C LEU C 343 -38.44 -0.20 -20.23
N THR C 344 -39.35 0.76 -20.13
CA THR C 344 -40.57 0.72 -20.96
C THR C 344 -40.21 0.64 -22.43
N THR C 345 -39.28 1.49 -22.86
CA THR C 345 -38.85 1.49 -24.26
C THR C 345 -38.21 0.15 -24.65
N THR C 346 -37.57 -0.52 -23.71
CA THR C 346 -36.93 -1.81 -24.00
C THR C 346 -37.96 -2.91 -24.18
N LEU C 347 -38.92 -2.98 -23.26
CA LEU C 347 -40.02 -3.94 -23.38
C LEU C 347 -40.82 -3.71 -24.65
N LYS C 348 -41.11 -2.46 -24.98
CA LYS C 348 -41.96 -2.11 -26.13
C LYS C 348 -41.35 -2.58 -27.44
N VAL C 349 -40.10 -2.21 -27.67
CA VAL C 349 -39.37 -2.58 -28.88
C VAL C 349 -39.04 -4.05 -28.97
N LEU C 350 -38.98 -4.75 -27.83
CA LEU C 350 -38.64 -6.17 -27.86
C LEU C 350 -39.87 -7.03 -28.04
N CYS C 351 -41.04 -6.47 -27.74
CA CYS C 351 -42.30 -7.22 -27.78
C CYS C 351 -43.18 -6.88 -28.97
N MET C 352 -42.96 -5.70 -29.56
CA MET C 352 -43.80 -5.26 -30.67
C MET C 352 -43.65 -6.18 -31.89
N PRO C 353 -44.71 -6.27 -32.72
CA PRO C 353 -44.73 -7.09 -33.93
C PRO C 353 -43.61 -6.74 -34.93
N ALA C 354 -43.12 -7.76 -35.63
CA ALA C 354 -41.95 -7.64 -36.49
C ALA C 354 -42.09 -6.68 -37.68
N GLU C 355 -43.33 -6.42 -38.09
CA GLU C 355 -43.61 -5.44 -39.14
C GLU C 355 -43.78 -4.05 -38.56
N GLU C 356 -44.10 -3.99 -37.27
CA GLU C 356 -44.19 -2.71 -36.57
C GLU C 356 -42.80 -2.18 -36.17
N PHE C 357 -41.81 -3.08 -36.09
CA PHE C 357 -40.44 -2.64 -35.81
C PHE C 357 -39.57 -2.53 -37.06
N ARG C 358 -39.93 -3.28 -38.10
CA ARG C 358 -39.27 -3.17 -39.38
C ARG C 358 -39.57 -1.79 -39.95
N GLU C 359 -40.66 -1.19 -39.45
CA GLU C 359 -41.14 0.09 -39.94
C GLU C 359 -40.71 1.24 -39.02
N LEU C 360 -40.16 0.90 -37.86
CA LEU C 360 -39.78 1.92 -36.89
C LEU C 360 -38.27 2.21 -37.01
N LYS C 361 -37.50 1.19 -37.37
CA LYS C 361 -36.06 1.31 -37.57
C LYS C 361 -35.72 1.92 -38.92
N ASP C 362 -36.29 1.35 -39.98
CA ASP C 362 -36.04 1.81 -41.34
C ASP C 362 -36.50 3.26 -41.58
N GLN C 363 -37.42 3.74 -40.73
CA GLN C 363 -37.93 5.13 -40.84
C GLN C 363 -37.07 6.11 -40.04
N SER C 375 -46.46 4.35 -16.93
CA SER C 375 -45.29 4.39 -16.06
C SER C 375 -45.10 3.07 -15.29
N LEU C 376 -43.84 2.79 -14.92
CA LEU C 376 -43.48 1.54 -14.28
C LEU C 376 -43.50 1.64 -12.76
N THR C 377 -44.64 2.06 -12.21
CA THR C 377 -44.81 2.12 -10.77
C THR C 377 -45.48 0.87 -10.25
N ILE C 378 -45.32 0.62 -8.96
CA ILE C 378 -45.89 -0.56 -8.33
C ILE C 378 -47.37 -0.74 -8.70
N THR C 379 -48.07 0.37 -8.90
CA THR C 379 -49.50 0.38 -9.18
C THR C 379 -49.81 -0.05 -10.62
N ASN C 380 -48.90 0.27 -11.52
CA ASN C 380 -49.18 0.21 -12.94
C ASN C 380 -48.65 -1.04 -13.64
N ILE C 381 -47.72 -1.74 -12.99
CA ILE C 381 -47.08 -2.88 -13.63
C ILE C 381 -48.03 -4.03 -13.96
N PRO C 382 -49.00 -4.31 -13.06
CA PRO C 382 -50.04 -5.28 -13.42
C PRO C 382 -50.85 -4.89 -14.66
N LYS C 383 -50.85 -3.60 -15.02
CA LYS C 383 -51.68 -3.11 -16.11
C LYS C 383 -50.99 -3.13 -17.48
N LEU C 384 -49.70 -3.41 -17.51
CA LEU C 384 -48.98 -3.44 -18.78
C LEU C 384 -49.50 -4.58 -19.64
N LYS C 385 -49.30 -4.47 -20.95
CA LYS C 385 -49.63 -5.55 -21.88
C LYS C 385 -48.98 -6.84 -21.38
N ALA C 386 -49.65 -7.96 -21.63
CA ALA C 386 -49.20 -9.25 -21.12
C ALA C 386 -47.79 -9.60 -21.58
N SER C 387 -47.51 -9.39 -22.86
CA SER C 387 -46.22 -9.76 -23.42
C SER C 387 -45.09 -9.04 -22.69
N TRP C 388 -45.34 -7.82 -22.26
CA TRP C 388 -44.35 -7.03 -21.54
C TRP C 388 -44.07 -7.66 -20.18
N ARG C 389 -45.14 -7.87 -19.42
CA ARG C 389 -45.02 -8.56 -18.13
C ARG C 389 -44.26 -9.88 -18.22
N GLN C 390 -44.50 -10.64 -19.27
CA GLN C 390 -43.86 -11.95 -19.41
C GLN C 390 -42.35 -11.80 -19.52
N LEU C 391 -41.92 -10.91 -20.40
CA LEU C 391 -40.51 -10.67 -20.61
C LEU C 391 -39.87 -10.13 -19.35
N LEU C 392 -40.59 -9.25 -18.65
CA LEU C 392 -40.08 -8.71 -17.40
C LEU C 392 -39.99 -9.80 -16.33
N GLN C 393 -41.01 -10.64 -16.22
CA GLN C 393 -40.98 -11.73 -15.25
C GLN C 393 -39.81 -12.68 -15.48
N ASN C 394 -39.55 -13.00 -16.74
CA ASN C 394 -38.47 -13.91 -17.07
C ASN C 394 -37.11 -13.26 -16.82
N SER C 395 -37.06 -11.96 -17.08
CA SER C 395 -35.87 -11.17 -16.77
C SER C 395 -35.55 -11.15 -15.28
N VAL C 396 -36.59 -11.00 -14.46
CA VAL C 396 -36.43 -11.03 -13.01
C VAL C 396 -36.00 -12.42 -12.51
N LEU C 397 -36.54 -13.48 -13.10
CA LEU C 397 -36.19 -14.84 -12.71
C LEU C 397 -34.72 -15.11 -12.97
N LEU C 398 -34.24 -14.67 -14.13
CA LEU C 398 -32.83 -14.80 -14.47
C LEU C 398 -31.95 -13.99 -13.52
N THR C 399 -32.42 -12.79 -13.15
CA THR C 399 -31.68 -11.98 -12.18
C THR C 399 -31.59 -12.66 -10.82
N LEU C 400 -32.71 -13.19 -10.34
CA LEU C 400 -32.72 -13.88 -9.05
C LEU C 400 -31.81 -15.10 -9.05
N GLN C 401 -31.57 -15.65 -10.23
CA GLN C 401 -30.70 -16.83 -10.36
C GLN C 401 -29.22 -16.50 -10.29
N THR C 402 -28.86 -15.22 -10.37
CA THR C 402 -27.45 -14.82 -10.25
C THR C 402 -26.97 -14.72 -8.80
N TYR C 403 -27.90 -14.76 -7.85
CA TYR C 403 -27.52 -14.81 -6.45
C TYR C 403 -27.22 -16.26 -6.10
N ALA C 404 -26.43 -16.48 -5.05
CA ALA C 404 -26.08 -17.83 -4.64
C ALA C 404 -27.28 -18.60 -4.12
N THR C 405 -28.17 -17.91 -3.41
CA THR C 405 -29.35 -18.57 -2.85
C THR C 405 -30.63 -17.80 -3.16
N ASP C 406 -31.77 -18.46 -2.94
CA ASP C 406 -33.06 -17.82 -3.17
C ASP C 406 -33.43 -16.90 -2.00
N LEU C 407 -34.58 -16.23 -2.12
CA LEU C 407 -35.04 -15.30 -1.10
C LEU C 407 -35.38 -16.01 0.21
N LYS C 408 -35.99 -17.18 0.12
CA LYS C 408 -36.40 -17.94 1.31
C LYS C 408 -35.23 -18.21 2.24
N THR C 409 -34.07 -18.54 1.67
CA THR C 409 -32.90 -18.82 2.51
C THR C 409 -32.53 -17.61 3.36
N ASP C 410 -32.47 -16.44 2.74
CA ASP C 410 -32.09 -15.20 3.41
C ASP C 410 -33.19 -14.74 4.38
N GLN C 411 -34.45 -14.88 3.98
CA GLN C 411 -35.56 -14.56 4.86
C GLN C 411 -35.46 -15.37 6.15
N GLY C 412 -34.98 -16.61 6.03
CA GLY C 412 -34.85 -17.49 7.18
C GLY C 412 -33.73 -17.07 8.11
N LEU C 413 -32.67 -16.50 7.53
CA LEU C 413 -31.55 -15.97 8.30
C LEU C 413 -31.96 -14.72 9.09
N LEU C 414 -32.85 -13.94 8.51
CA LEU C 414 -33.25 -12.67 9.08
C LEU C 414 -34.38 -12.85 10.08
N SER C 415 -35.28 -13.79 9.79
CA SER C 415 -36.45 -14.04 10.64
C SER C 415 -36.08 -14.63 12.01
N ASN C 416 -35.06 -15.47 12.03
CA ASN C 416 -34.59 -16.06 13.26
C ASN C 416 -33.49 -15.20 13.85
N LYS C 417 -33.83 -14.41 14.87
CA LYS C 417 -32.94 -13.37 15.36
C LYS C 417 -31.72 -13.92 16.07
N GLU C 418 -31.85 -15.10 16.65
CA GLU C 418 -30.71 -15.70 17.30
C GLU C 418 -29.75 -16.20 16.21
N VAL C 419 -30.31 -16.69 15.12
CA VAL C 419 -29.50 -17.12 13.97
C VAL C 419 -28.78 -15.96 13.33
N TYR C 420 -29.49 -14.84 13.18
CA TYR C 420 -28.92 -13.61 12.66
C TYR C 420 -27.75 -13.14 13.52
N ALA C 421 -27.99 -13.06 14.83
CA ALA C 421 -27.00 -12.55 15.76
C ALA C 421 -25.71 -13.34 15.72
N LYS C 422 -25.80 -14.60 15.30
CA LYS C 422 -24.65 -15.49 15.28
C LYS C 422 -23.80 -15.32 14.03
N LEU C 423 -24.35 -14.70 13.00
CA LEU C 423 -23.60 -14.37 11.79
C LEU C 423 -22.50 -13.38 12.14
N SER C 424 -21.41 -13.39 11.39
CA SER C 424 -20.37 -12.38 11.61
C SER C 424 -20.92 -11.02 11.18
N TRP C 425 -20.25 -9.95 11.59
CA TRP C 425 -20.68 -8.60 11.23
C TRP C 425 -20.82 -8.44 9.72
N ARG C 426 -19.80 -8.89 8.97
CA ARG C 426 -19.81 -8.78 7.51
C ARG C 426 -20.92 -9.61 6.90
N GLU C 427 -21.19 -10.76 7.50
CA GLU C 427 -22.29 -11.61 7.04
C GLU C 427 -23.63 -10.95 7.28
N GLN C 428 -23.77 -10.23 8.39
CA GLN C 428 -25.00 -9.50 8.65
C GLN C 428 -25.19 -8.40 7.61
N GLN C 429 -24.14 -7.63 7.36
CA GLN C 429 -24.19 -6.54 6.38
C GLN C 429 -24.53 -7.08 5.01
N ALA C 430 -23.83 -8.14 4.62
CA ALA C 430 -24.04 -8.75 3.31
C ALA C 430 -25.47 -9.24 3.16
N LEU C 431 -25.97 -9.90 4.21
CA LEU C 431 -27.34 -10.40 4.20
C LEU C 431 -28.33 -9.27 3.98
N GLN C 432 -28.14 -8.17 4.68
CA GLN C 432 -29.00 -7.01 4.55
C GLN C 432 -29.02 -6.52 3.10
N VAL C 433 -27.86 -6.56 2.46
CA VAL C 433 -27.76 -6.14 1.06
C VAL C 433 -28.54 -7.08 0.13
N ARG C 434 -28.24 -8.37 0.20
CA ARG C 434 -28.93 -9.37 -0.61
C ARG C 434 -30.45 -9.38 -0.39
N TYR C 435 -30.85 -9.39 0.88
CA TYR C 435 -32.26 -9.44 1.25
C TYR C 435 -33.10 -8.30 0.64
N GLY C 436 -32.63 -7.06 0.79
CA GLY C 436 -33.36 -5.93 0.27
C GLY C 436 -33.53 -5.99 -1.23
N GLN C 437 -32.50 -6.51 -1.90
CA GLN C 437 -32.53 -6.65 -3.35
C GLN C 437 -33.50 -7.74 -3.77
N LYS C 438 -33.38 -8.92 -3.17
CA LYS C 438 -34.28 -10.02 -3.51
C LYS C 438 -35.72 -9.65 -3.25
N MET C 439 -35.97 -8.95 -2.13
CA MET C 439 -37.32 -8.56 -1.77
C MET C 439 -37.96 -7.68 -2.84
N ILE C 440 -37.20 -6.73 -3.36
CA ILE C 440 -37.68 -5.85 -4.44
C ILE C 440 -37.98 -6.67 -5.70
N LEU C 441 -37.08 -7.59 -6.03
CA LEU C 441 -37.23 -8.40 -7.23
C LEU C 441 -38.42 -9.33 -7.13
N HIS C 442 -38.59 -9.97 -5.97
CA HIS C 442 -39.73 -10.86 -5.77
C HIS C 442 -41.05 -10.10 -5.80
N GLN C 443 -41.01 -8.85 -5.39
CA GLN C 443 -42.20 -8.02 -5.50
C GLN C 443 -42.49 -7.77 -6.98
N LEU C 444 -41.43 -7.63 -7.77
CA LEU C 444 -41.61 -7.42 -9.21
C LEU C 444 -42.20 -8.66 -9.85
N LEU C 445 -41.76 -9.82 -9.36
CA LEU C 445 -42.21 -11.13 -9.82
C LEU C 445 -43.71 -11.27 -9.57
N GLU C 446 -44.15 -10.92 -8.37
CA GLU C 446 -45.57 -10.94 -8.02
C GLU C 446 -46.40 -10.01 -8.90
N LEU C 447 -45.89 -8.82 -9.19
CA LEU C 447 -46.59 -7.81 -9.98
C LEU C 447 -46.76 -8.19 -11.45
N THR C 448 -45.78 -8.89 -12.00
CA THR C 448 -45.80 -9.28 -13.40
C THR C 448 -46.45 -10.66 -13.53
N SER C 449 -46.74 -11.28 -12.40
CA SER C 449 -47.45 -12.54 -12.38
C SER C 449 -48.95 -12.31 -12.52
N LYS D 9 -20.98 12.01 -1.71
CA LYS D 9 -22.32 12.61 -1.73
C LYS D 9 -22.33 13.91 -2.53
C1 EDO E . 37.25 -16.84 1.08
O1 EDO E . 35.96 -17.21 0.57
C2 EDO E . 37.45 -17.54 2.40
O2 EDO E . 36.88 -18.84 2.32
C1 EDO F . 24.65 -15.81 11.04
O1 EDO F . 23.70 -16.76 11.53
C2 EDO F . 25.52 -15.31 12.18
O2 EDO F . 24.97 -14.09 12.70
C1 EDO G . 38.36 13.68 9.22
O1 EDO G . 38.90 14.98 8.95
C2 EDO G . 39.48 12.94 9.91
O2 EDO G . 40.68 13.34 9.23
C1 EDO H . 10.23 19.49 9.20
O1 EDO H . 8.84 19.76 9.44
C2 EDO H . 10.44 19.02 7.77
O2 EDO H . 10.09 20.05 6.83
C1 EDO I . 35.37 -0.80 -7.73
O1 EDO I . 36.26 -0.24 -8.71
C2 EDO I . 33.93 -0.36 -8.00
O2 EDO I . 33.53 -0.84 -9.30
C1 EDO J . 14.36 -24.24 -18.56
O1 EDO J . 14.19 -24.99 -19.76
C2 EDO J . 13.02 -23.95 -17.90
O2 EDO J . 12.16 -23.29 -18.84
C1 EDO K . 29.51 -3.50 -10.97
O1 EDO K . 29.51 -3.12 -9.58
C2 EDO K . 28.52 -2.65 -11.76
O2 EDO K . 27.42 -2.29 -10.90
C1 EDO L . 49.07 12.54 -13.93
O1 EDO L . 48.94 12.45 -12.49
C2 EDO L . 48.91 11.18 -14.58
O2 EDO L . 47.81 10.49 -13.96
C1 EDO M . 10.78 7.98 9.15
O1 EDO M . 11.18 6.63 8.91
C2 EDO M . 10.16 8.60 7.90
O2 EDO M . 9.12 7.76 7.39
C1 EDO N . 7.84 -30.79 -7.88
O1 EDO N . 9.21 -30.86 -7.42
C2 EDO N . 6.89 -31.00 -6.70
O2 EDO N . 5.53 -30.89 -7.14
N SAM O . 26.57 -13.07 -10.12
CA SAM O . 26.10 -14.01 -9.11
C SAM O . 26.70 -15.40 -9.39
O SAM O . 27.58 -15.53 -10.24
OXT SAM O . 26.34 -16.40 -8.76
CB SAM O . 24.57 -14.06 -9.07
CG SAM O . 23.91 -13.02 -8.15
SD SAM O . 24.01 -13.44 -6.38
CE SAM O . 22.27 -13.32 -5.88
C5' SAM O . 24.71 -11.96 -5.60
C4' SAM O . 26.21 -11.82 -5.84
O4' SAM O . 26.42 -11.44 -7.19
C3' SAM O . 26.86 -10.75 -4.99
O3' SAM O . 27.39 -11.28 -3.80
C2' SAM O . 27.94 -10.22 -5.91
O2' SAM O . 29.08 -11.05 -5.86
C1' SAM O . 27.37 -10.40 -7.28
N9 SAM O . 26.72 -9.18 -7.80
C8 SAM O . 25.37 -8.91 -7.83
N7 SAM O . 25.20 -7.69 -8.38
C5 SAM O . 26.41 -7.17 -8.69
C6 SAM O . 26.80 -5.96 -9.26
N6 SAM O . 25.92 -5.03 -9.63
N1 SAM O . 28.14 -5.72 -9.45
C2 SAM O . 29.08 -6.66 -9.08
N3 SAM O . 28.68 -7.85 -8.50
C4 SAM O . 27.36 -8.10 -8.32
C1 EDO P . -26.04 -5.52 10.19
O1 EDO P . -26.73 -6.02 11.35
C2 EDO P . -26.73 -4.26 9.69
O2 EDO P . -27.05 -3.43 10.83
C1 EDO Q . -24.65 -8.32 -11.16
O1 EDO Q . -23.95 -7.07 -11.00
C2 EDO Q . -23.89 -9.44 -10.45
O2 EDO Q . -23.57 -9.06 -9.10
C1 EDO R . -41.35 11.83 8.43
O1 EDO R . -42.02 10.68 8.98
C2 EDO R . -39.89 11.83 8.87
O2 EDO R . -39.79 12.09 10.27
C1 EDO S . -22.93 0.38 13.68
O1 EDO S . -21.66 1.01 13.56
C2 EDO S . -23.67 0.38 12.35
O2 EDO S . -22.77 -0.05 11.30
C1 EDO T . -10.66 5.50 -8.76
O1 EDO T . -10.17 6.08 -9.97
C2 EDO T . -9.74 5.84 -7.59
O2 EDO T . -9.66 7.27 -7.43
C1 EDO U . -15.81 -5.43 8.71
O1 EDO U . -14.84 -5.17 7.69
C2 EDO U . -17.04 -4.53 8.56
O2 EDO U . -17.53 -4.52 7.20
N SAM V . -19.81 8.52 11.97
CA SAM V . -18.79 9.19 11.17
C SAM V . -17.50 9.37 11.96
O SAM V . -17.39 8.96 13.11
OXT SAM V . -16.52 9.94 11.46
CB SAM V . -19.33 10.49 10.58
CG SAM V . -20.12 10.31 9.28
SD SAM V . -19.04 10.09 7.83
CE SAM V . -19.59 11.46 6.76
C5' SAM V . -19.66 8.63 6.94
C4' SAM V . -19.41 7.35 7.71
O4' SAM V . -20.25 7.31 8.85
C3' SAM V . -19.70 6.08 6.92
O3' SAM V . -18.54 5.55 6.34
C2' SAM V . -20.23 5.12 7.96
O2' SAM V . -19.15 4.46 8.56
C1' SAM V . -20.79 6.01 9.04
N9 SAM V . -22.26 6.06 9.01
C8 SAM V . -23.05 7.07 8.51
N7 SAM V . -24.34 6.74 8.67
C5 SAM V . -24.39 5.53 9.28
C6 SAM V . -25.43 4.72 9.68
N6 SAM V . -26.70 5.09 9.48
N1 SAM V . -25.16 3.50 10.26
C2 SAM V . -23.85 3.11 10.46
N3 SAM V . -22.82 3.91 10.07
C4 SAM V . -23.09 5.10 9.49
#